data_4QIR
#
_entry.id   4QIR
#
_cell.length_a   223.813
_cell.length_b   223.813
_cell.length_c   57.958
_cell.angle_alpha   90.00
_cell.angle_beta   90.00
_cell.angle_gamma   120.00
#
_symmetry.space_group_name_H-M   'H 3'
#
loop_
_entity.id
_entity.type
_entity.pdbx_description
1 polymer 'Aminopeptidase N'
2 non-polymer '3-{[(R)-1-amino-3-(pyridin-3-yl)propyl](hydroxy)phosphoryl}-(S)-2-benzylpropanoic acid'
3 non-polymer GLYCEROL
4 non-polymer IMIDAZOLE
5 non-polymer 'ZINC ION'
6 non-polymer 'SULFATE ION'
7 water water
#
_entity_poly.entity_id   1
_entity_poly.type   'polypeptide(L)'
_entity_poly.pdbx_seq_one_letter_code
;SNA(MSE)SKTVHYLKDYQTPAYHILKTDLHFDINEPQTVVKSRLTVEPQRVGEPLVLDGSAKLLSVKINGAAADYVLEG
ETLTIAGVPSERFTVEVETEILPAENKSL(MSE)GLYASGGNLFTQCEPEGFRKITFYIDRPDV(MSE)SKFTTTIVADK
KRYPVLLSNGNKIDGGEFSDGRHWVKWEDPFSKPSYLFALVAGDLAVTEDYFTT(MSE)SGRNVKIEFYTTEADKPKVGF
AVESLKNA(MSE)KWDETRFGLEYDLDIF(MSE)VVAVGDFN(MSE)GA(MSE)ENKGLNIFNTKFVLADSRTATDTDFE
GIESVVGHEYFHNWTGNRVTCRDWFQLSLKEGLTVFRDQEFSGDRASRAVRRIENIRLLRQHQFPEDAGPTAHPVRPASY
EE(MSE)NNFYT(MSE)TVYEKGAEVVR(MSE)YHTLLGEEGFQKG(MSE)KLYFQRHDGQAVTCDDFRAA(MSE)ADAN
GINLDQFALWYSQAGTPVLEAEGRLKNNIFELTVKQTVPPTPD(MSE)TDKQP(MSE)(MSE)IPVKVGLLNRNGEAVAF
DYQGKRATEAVLLLTEAEQTFLLEGVTEAVVPSLLRGFSAPVHLNYPYSDDDLLLLLAHDSDAFTRWEAAQTLYRRAVAA
NLATLSDGVELPKHEKLLAAVEKVISDDLLDNAFKALLLGVPSEAELWDGAENIDPLRYHQAREALLDTLAVHFLPKWHE
LNRQAAKQENQSYEYSPEAAGWRTLRNVCRAFVLRADPAHIETVAEKYGE(MSE)AQN(MSE)THEWGILSAVNGNESDT
RNRLLAQFADKFSDDALV(MSE)DKYFALVGSSRRSDTLQQVRTALQHPKFSLENPNKARSLIGSFSRNVPHFHAEDGSG
YRFIADKVIEIDRFNPQVAARLVQAFNLCNKLEPHRKNLVKQALQRIRAQEGLSKDVGEIVGKILD
;
_entity_poly.pdbx_strand_id   A
#
loop_
_chem_comp.id
_chem_comp.type
_chem_comp.name
_chem_comp.formula
379 non-polymer '3-{[(R)-1-amino-3-(pyridin-3-yl)propyl](hydroxy)phosphoryl}-(S)-2-benzylpropanoic acid' 'C18 H23 N2 O4 P'
GOL non-polymer GLYCEROL 'C3 H8 O3'
IMD non-polymer IMIDAZOLE 'C3 H5 N2 1'
SO4 non-polymer 'SULFATE ION' 'O4 S -2'
ZN non-polymer 'ZINC ION' 'Zn 2'
#
# COMPACT_ATOMS: atom_id res chain seq x y z
N THR A 7 17.85 14.65 -15.65
CA THR A 7 17.89 15.10 -14.26
C THR A 7 17.61 13.93 -13.30
N VAL A 8 18.68 13.40 -12.74
CA VAL A 8 18.60 12.41 -11.68
C VAL A 8 18.92 13.10 -10.38
N HIS A 9 18.24 12.67 -9.31
CA HIS A 9 18.49 13.19 -7.98
C HIS A 9 19.27 12.15 -7.20
N TYR A 10 20.39 12.56 -6.58
CA TYR A 10 21.21 11.64 -5.81
C TYR A 10 21.29 11.99 -4.33
N LEU A 11 21.12 10.96 -3.51
CA LEU A 11 21.19 11.10 -2.06
C LEU A 11 22.55 11.63 -1.61
N LYS A 12 23.61 11.21 -2.32
CA LYS A 12 24.97 11.64 -1.98
C LYS A 12 25.18 13.12 -2.13
N ASP A 13 24.30 13.79 -2.87
CA ASP A 13 24.45 15.21 -3.15
C ASP A 13 23.69 16.08 -2.17
N TYR A 14 23.08 15.47 -1.15
CA TYR A 14 22.27 16.26 -0.23
C TYR A 14 23.11 17.36 0.42
N GLN A 15 22.51 18.53 0.53
CA GLN A 15 23.10 19.69 1.22
C GLN A 15 21.96 20.41 1.92
N THR A 16 22.23 20.93 3.13
CA THR A 16 21.22 21.68 3.87
C THR A 16 20.82 22.91 3.07
N PRO A 17 19.58 23.41 3.27
CA PRO A 17 19.13 24.50 2.40
C PRO A 17 19.81 25.83 2.67
N ALA A 18 20.00 26.63 1.63
CA ALA A 18 20.61 27.93 1.80
C ALA A 18 19.71 28.86 2.59
N TYR A 19 18.40 28.61 2.51
CA TYR A 19 17.40 29.42 3.20
C TYR A 19 16.45 28.58 4.02
N HIS A 20 16.00 29.16 5.11
CA HIS A 20 14.86 28.62 5.84
C HIS A 20 13.70 29.56 5.64
N ILE A 21 12.50 29.02 5.86
CA ILE A 21 11.28 29.81 5.81
C ILE A 21 10.68 29.63 7.20
N LEU A 22 10.59 30.73 7.92
CA LEU A 22 10.12 30.71 9.31
C LEU A 22 8.59 30.76 9.37
N LYS A 23 7.99 31.50 8.43
CA LYS A 23 6.55 31.75 8.44
C LYS A 23 6.05 31.79 7.01
N THR A 24 4.92 31.14 6.80
CA THR A 24 4.26 31.08 5.51
C THR A 24 2.84 31.55 5.70
N ASP A 25 2.56 32.76 5.25
CA ASP A 25 1.22 33.33 5.29
C ASP A 25 0.60 33.25 3.90
N LEU A 26 -0.50 32.53 3.81
CA LEU A 26 -1.18 32.31 2.54
C LEU A 26 -2.55 32.96 2.51
N HIS A 27 -2.98 33.34 1.29
CA HIS A 27 -4.29 33.93 1.06
C HIS A 27 -4.83 33.35 -0.23
N PHE A 28 -5.96 32.65 -0.15
CA PHE A 28 -6.64 32.04 -1.31
C PHE A 28 -7.90 32.82 -1.63
N ASP A 29 -7.97 33.35 -2.84
CA ASP A 29 -9.17 34.04 -3.28
C ASP A 29 -9.80 33.20 -4.38
N ILE A 30 -10.86 32.48 -4.02
CA ILE A 30 -11.45 31.48 -4.89
C ILE A 30 -12.54 32.13 -5.71
N ASN A 31 -12.37 32.11 -7.02
CA ASN A 31 -13.39 32.66 -7.93
C ASN A 31 -13.72 31.65 -9.02
N GLU A 32 -14.41 32.12 -10.05
CA GLU A 32 -14.82 31.27 -11.16
C GLU A 32 -14.31 31.89 -12.46
N PRO A 33 -13.38 31.21 -13.14
CA PRO A 33 -12.84 29.88 -12.87
C PRO A 33 -11.55 29.92 -12.05
N GLN A 34 -10.98 31.10 -11.82
CA GLN A 34 -9.63 31.14 -11.23
C GLN A 34 -9.60 31.32 -9.73
N THR A 35 -8.54 30.76 -9.16
CA THR A 35 -8.15 31.02 -7.78
C THR A 35 -6.82 31.74 -7.81
N VAL A 36 -6.77 32.86 -7.10
CA VAL A 36 -5.55 33.64 -6.94
C VAL A 36 -4.96 33.41 -5.57
N VAL A 37 -3.71 33.00 -5.56
CA VAL A 37 -3.02 32.72 -4.32
C VAL A 37 -1.96 33.78 -4.06
N LYS A 38 -2.00 34.34 -2.87
CA LYS A 38 -0.96 35.25 -2.40
C LYS A 38 -0.25 34.59 -1.27
N SER A 39 1.07 34.71 -1.30
CA SER A 39 1.91 34.17 -0.24
CA SER A 39 1.93 34.15 -0.28
C SER A 39 2.70 35.30 0.38
N ARG A 40 3.10 35.12 1.63
CA ARG A 40 4.09 35.98 2.22
C ARG A 40 4.97 35.07 3.04
N LEU A 41 6.22 34.99 2.64
CA LEU A 41 7.21 34.14 3.28
C LEU A 41 8.16 34.97 4.10
N THR A 42 8.40 34.56 5.34
CA THR A 42 9.41 35.18 6.17
C THR A 42 10.66 34.32 6.07
N VAL A 43 11.66 34.83 5.36
CA VAL A 43 12.83 34.05 4.96
C VAL A 43 14.05 34.35 5.82
N GLU A 44 14.70 33.30 6.31
CA GLU A 44 15.90 33.39 7.16
C GLU A 44 17.11 32.83 6.41
N PRO A 45 18.06 33.69 6.03
CA PRO A 45 19.24 33.16 5.34
C PRO A 45 20.02 32.16 6.20
N GLN A 46 20.47 31.06 5.61
CA GLN A 46 21.37 30.12 6.27
C GLN A 46 22.79 30.32 5.70
N ARG A 47 22.87 30.35 4.38
CA ARG A 47 24.10 30.73 3.69
C ARG A 47 23.87 32.09 3.02
N VAL A 48 24.25 33.12 3.75
CA VAL A 48 23.99 34.51 3.38
C VAL A 48 24.56 34.80 2.01
N GLY A 49 23.77 35.51 1.21
CA GLY A 49 24.24 35.96 -0.10
C GLY A 49 23.95 35.02 -1.28
N GLU A 50 23.54 33.78 -1.01
CA GLU A 50 23.20 32.85 -2.08
C GLU A 50 21.91 33.27 -2.76
N PRO A 51 21.76 32.90 -4.05
CA PRO A 51 20.46 33.20 -4.66
C PRO A 51 19.34 32.46 -3.94
N LEU A 52 18.17 33.08 -3.88
CA LEU A 52 16.98 32.42 -3.37
C LEU A 52 16.34 31.70 -4.54
N VAL A 53 16.23 30.38 -4.45
CA VAL A 53 15.64 29.57 -5.51
C VAL A 53 14.33 28.96 -5.04
N LEU A 54 13.27 29.25 -5.77
CA LEU A 54 11.94 28.83 -5.43
C LEU A 54 11.39 27.96 -6.54
N ASP A 55 10.88 26.80 -6.14
CA ASP A 55 10.21 25.89 -7.06
C ASP A 55 8.82 26.36 -7.35
N GLY A 56 8.35 26.24 -8.59
CA GLY A 56 6.97 26.59 -8.84
C GLY A 56 6.60 26.42 -10.29
N SER A 57 5.34 26.04 -10.50
CA SER A 57 4.85 25.82 -11.85
C SER A 57 3.49 26.47 -12.09
N ALA A 58 2.93 27.14 -11.09
CA ALA A 58 1.69 27.88 -11.34
C ALA A 58 1.95 29.14 -12.15
N LYS A 59 0.89 29.68 -12.78
CA LYS A 59 1.01 30.96 -13.49
C LYS A 59 1.39 32.07 -12.53
N LEU A 60 2.46 32.80 -12.86
CA LEU A 60 3.01 33.80 -11.97
C LEU A 60 2.54 35.20 -12.32
N LEU A 61 1.91 35.88 -11.35
CA LEU A 61 1.38 37.21 -11.58
C LEU A 61 2.28 38.32 -11.06
N SER A 62 2.90 38.09 -9.89
CA SER A 62 3.82 39.09 -9.33
C SER A 62 4.71 38.52 -8.22
N VAL A 63 5.81 39.22 -7.97
CA VAL A 63 6.79 38.85 -6.93
C VAL A 63 7.32 40.08 -6.28
N LYS A 64 7.31 40.10 -4.96
CA LYS A 64 7.93 41.17 -4.20
C LYS A 64 8.97 40.64 -3.24
N ILE A 65 9.96 41.49 -2.97
CA ILE A 65 10.90 41.26 -1.91
C ILE A 65 10.81 42.46 -0.98
N ASN A 66 10.54 42.19 0.29
CA ASN A 66 10.37 43.23 1.29
C ASN A 66 9.37 44.28 0.82
N GLY A 67 8.30 43.81 0.19
CA GLY A 67 7.20 44.65 -0.26
C GLY A 67 7.44 45.41 -1.55
N ALA A 68 8.65 45.32 -2.11
CA ALA A 68 8.96 46.00 -3.35
C ALA A 68 9.03 44.99 -4.49
N ALA A 69 8.62 45.40 -5.68
CA ALA A 69 8.66 44.55 -6.85
C ALA A 69 10.06 43.97 -7.02
N ALA A 70 10.11 42.66 -7.22
CA ALA A 70 11.37 41.93 -7.17
C ALA A 70 12.03 41.84 -8.53
N ASP A 71 13.34 41.88 -8.54
CA ASP A 71 14.12 41.50 -9.71
C ASP A 71 14.35 39.99 -9.57
N TYR A 72 13.98 39.24 -10.59
CA TYR A 72 14.06 37.79 -10.56
C TYR A 72 14.16 37.24 -11.96
N VAL A 73 14.29 35.93 -12.09
CA VAL A 73 14.19 35.32 -13.40
C VAL A 73 13.46 33.99 -13.26
N LEU A 74 12.56 33.76 -14.19
CA LEU A 74 11.80 32.51 -14.24
C LEU A 74 12.39 31.66 -15.33
N GLU A 75 12.78 30.44 -14.96
CA GLU A 75 13.40 29.48 -15.85
C GLU A 75 12.85 28.09 -15.52
N GLY A 76 12.15 27.48 -16.45
CA GLY A 76 11.55 26.17 -16.18
C GLY A 76 10.60 26.28 -15.01
N GLU A 77 10.73 25.39 -14.02
CA GLU A 77 9.88 25.46 -12.84
C GLU A 77 10.62 26.07 -11.66
N THR A 78 11.42 27.08 -11.95
CA THR A 78 12.14 27.74 -10.86
C THR A 78 12.10 29.25 -11.07
N LEU A 79 12.03 29.89 -9.92
CA LEU A 79 12.10 31.32 -9.77
CA LEU A 79 12.14 31.35 -9.81
C LEU A 79 13.37 31.65 -8.98
N THR A 80 14.27 32.46 -9.52
CA THR A 80 15.52 32.77 -8.83
C THR A 80 15.63 34.25 -8.58
N ILE A 81 15.87 34.62 -7.33
CA ILE A 81 16.15 36.00 -6.96
C ILE A 81 17.61 36.07 -6.56
N ALA A 82 18.41 36.75 -7.37
CA ALA A 82 19.84 36.87 -7.13
C ALA A 82 20.17 37.92 -6.07
N GLY A 83 19.37 38.97 -6.01
CA GLY A 83 19.68 40.08 -5.14
C GLY A 83 18.91 39.89 -3.85
N VAL A 84 19.53 39.23 -2.89
CA VAL A 84 18.87 38.86 -1.63
C VAL A 84 19.42 39.71 -0.49
N PRO A 85 18.55 40.19 0.42
CA PRO A 85 19.10 40.82 1.60
C PRO A 85 19.94 39.86 2.42
N SER A 86 20.86 40.40 3.19
CA SER A 86 21.70 39.59 4.04
C SER A 86 21.07 39.21 5.39
N GLU A 87 19.92 39.80 5.69
CA GLU A 87 19.24 39.45 6.93
C GLU A 87 17.81 39.09 6.59
N ARG A 88 17.04 38.77 7.63
CA ARG A 88 15.66 38.36 7.48
C ARG A 88 14.91 39.24 6.52
N PHE A 89 14.16 38.61 5.64
CA PHE A 89 13.43 39.38 4.66
C PHE A 89 12.18 38.62 4.30
N THR A 90 11.30 39.29 3.59
CA THR A 90 10.08 38.66 3.12
C THR A 90 10.04 38.61 1.61
N VAL A 91 9.29 37.62 1.13
CA VAL A 91 8.99 37.46 -0.25
C VAL A 91 7.51 37.30 -0.35
N GLU A 92 6.91 37.95 -1.34
CA GLU A 92 5.48 37.79 -1.61
C GLU A 92 5.24 37.38 -3.04
N VAL A 93 4.59 36.24 -3.19
CA VAL A 93 4.29 35.69 -4.50
C VAL A 93 2.80 35.60 -4.74
N GLU A 94 2.41 36.01 -5.94
CA GLU A 94 1.03 35.95 -6.38
C GLU A 94 0.95 35.05 -7.60
N THR A 95 0.14 34.00 -7.50
CA THR A 95 -0.03 33.06 -8.58
C THR A 95 -1.51 32.91 -8.89
N GLU A 96 -1.78 32.30 -10.03
CA GLU A 96 -3.15 32.07 -10.47
C GLU A 96 -3.29 30.63 -10.90
N ILE A 97 -4.36 30.02 -10.42
CA ILE A 97 -4.66 28.60 -10.69
C ILE A 97 -6.06 28.40 -11.27
N LEU A 98 -6.17 27.45 -12.20
CA LEU A 98 -7.45 27.05 -12.76
C LEU A 98 -7.72 25.61 -12.32
N PRO A 99 -8.29 25.42 -11.13
CA PRO A 99 -8.35 24.07 -10.53
C PRO A 99 -9.19 23.08 -11.36
N ALA A 100 -10.18 23.58 -12.08
CA ALA A 100 -11.02 22.68 -12.87
C ALA A 100 -10.27 22.10 -14.08
N GLU A 101 -9.17 22.71 -14.46
CA GLU A 101 -8.34 22.21 -15.55
C GLU A 101 -7.26 21.26 -15.03
N ASN A 102 -7.20 21.04 -13.73
CA ASN A 102 -6.14 20.24 -13.14
C ASN A 102 -6.56 18.79 -13.02
N LYS A 103 -6.26 18.01 -14.06
CA LYS A 103 -6.58 16.58 -14.10
C LYS A 103 -5.47 15.71 -13.51
N SER A 104 -4.38 16.31 -13.07
CA SER A 104 -3.28 15.56 -12.43
C SER A 104 -3.58 15.19 -10.99
N LEU A 105 -4.56 15.88 -10.39
CA LEU A 105 -4.94 15.73 -8.98
C LEU A 105 -3.77 15.95 -8.01
N MSE A 106 -2.87 16.82 -8.41
CA MSE A 106 -1.76 17.27 -7.56
C MSE A 106 -1.80 18.78 -7.52
O MSE A 106 -2.10 19.42 -8.53
CB MSE A 106 -0.42 16.81 -8.10
CG MSE A 106 -0.27 15.35 -8.19
SE MSE A 106 -0.30 14.54 -6.49
CE MSE A 106 1.34 15.30 -5.82
H MSE A 106 -2.88 17.19 -9.19
HA MSE A 106 -1.87 16.91 -6.67
HB2 MSE A 106 -0.30 17.18 -8.99
HB3 MSE A 106 0.28 17.13 -7.52
HG2 MSE A 106 -1.00 14.98 -8.71
HG3 MSE A 106 0.58 15.14 -8.61
HE1 MSE A 106 1.49 14.99 -4.92
HE2 MSE A 106 2.08 15.04 -6.39
HE3 MSE A 106 1.25 16.27 -5.82
N GLY A 107 -1.51 19.34 -6.36
CA GLY A 107 -1.68 20.77 -6.15
C GLY A 107 -3.14 21.03 -5.81
N LEU A 108 -3.70 22.12 -6.33
CA LEU A 108 -5.09 22.49 -6.07
C LEU A 108 -5.95 22.08 -7.26
N TYR A 109 -6.97 21.28 -7.00
CA TYR A 109 -7.78 20.75 -8.07
C TYR A 109 -9.27 20.63 -7.72
N ALA A 110 -10.08 20.52 -8.77
CA ALA A 110 -11.51 20.37 -8.59
C ALA A 110 -11.94 18.90 -8.60
N SER A 111 -12.91 18.60 -7.76
CA SER A 111 -13.53 17.29 -7.73
C SER A 111 -14.95 17.42 -7.19
N GLY A 112 -15.93 16.93 -7.93
CA GLY A 112 -17.32 17.00 -7.50
C GLY A 112 -17.84 18.39 -7.17
N GLY A 113 -17.37 19.38 -7.91
CA GLY A 113 -17.76 20.76 -7.71
C GLY A 113 -17.04 21.45 -6.56
N ASN A 114 -16.20 20.70 -5.84
CA ASN A 114 -15.42 21.23 -4.72
C ASN A 114 -13.94 21.27 -5.03
N LEU A 115 -13.16 21.88 -4.12
CA LEU A 115 -11.73 22.07 -4.29
C LEU A 115 -10.96 21.37 -3.18
N PHE A 116 -9.90 20.66 -3.57
CA PHE A 116 -9.05 19.89 -2.67
C PHE A 116 -7.60 20.10 -3.07
N THR A 117 -6.69 19.73 -2.17
CA THR A 117 -5.28 19.69 -2.46
C THR A 117 -4.66 18.32 -2.26
N GLN A 118 -3.58 18.07 -3.00
CA GLN A 118 -2.67 16.97 -2.69
C GLN A 118 -1.27 17.49 -2.91
N CYS A 119 -0.50 17.60 -1.83
CA CYS A 119 0.82 18.21 -1.94
C CYS A 119 1.98 17.20 -1.86
N GLU A 120 1.80 16.04 -1.22
CA GLU A 120 2.95 15.15 -1.12
C GLU A 120 3.13 14.39 -2.41
N PRO A 121 4.38 14.34 -2.95
CA PRO A 121 5.58 14.95 -2.36
C PRO A 121 5.84 16.38 -2.78
N GLU A 122 5.54 16.72 -4.03
CA GLU A 122 6.03 17.99 -4.61
C GLU A 122 4.89 18.73 -5.34
N GLY A 123 3.70 18.61 -4.77
CA GLY A 123 2.51 19.30 -5.27
C GLY A 123 2.34 20.76 -4.80
N PHE A 124 2.97 21.14 -3.68
CA PHE A 124 2.78 22.50 -3.18
C PHE A 124 3.31 23.51 -4.19
N ARG A 125 4.39 23.14 -4.89
CA ARG A 125 4.91 24.07 -5.90
C ARG A 125 3.97 24.33 -7.07
N LYS A 126 2.93 23.51 -7.24
CA LYS A 126 1.87 23.76 -8.23
C LYS A 126 0.87 24.81 -7.72
N ILE A 127 1.03 25.21 -6.46
CA ILE A 127 0.12 26.21 -5.85
C ILE A 127 0.84 27.57 -5.76
N THR A 128 2.06 27.58 -5.25
CA THR A 128 2.83 28.82 -5.16
C THR A 128 4.31 28.53 -5.31
N PHE A 129 5.14 29.58 -5.41
CA PHE A 129 6.56 29.38 -5.53
C PHE A 129 7.14 29.26 -4.13
N TYR A 130 7.91 28.19 -3.90
CA TYR A 130 8.30 27.79 -2.54
C TYR A 130 9.57 26.99 -2.50
N ILE A 131 10.18 26.87 -1.30
CA ILE A 131 11.29 25.93 -1.16
C ILE A 131 10.70 24.57 -0.79
N ASP A 132 10.23 23.91 -1.84
CA ASP A 132 9.31 22.77 -1.70
C ASP A 132 10.07 21.45 -1.48
N ARG A 133 10.64 21.34 -0.29
CA ARG A 133 11.48 20.22 0.13
C ARG A 133 11.34 20.06 1.64
N PRO A 134 11.31 18.81 2.10
CA PRO A 134 10.73 18.60 3.43
C PRO A 134 11.65 18.99 4.63
N ASP A 135 12.89 19.34 4.38
CA ASP A 135 13.75 19.80 5.47
C ASP A 135 13.58 21.28 5.72
N VAL A 136 12.71 21.92 4.93
CA VAL A 136 12.33 23.32 5.17
C VAL A 136 10.95 23.32 5.86
N MSE A 137 10.95 23.66 7.14
CA MSE A 137 9.74 23.66 7.94
C MSE A 137 9.38 25.04 8.40
O MSE A 137 10.23 25.80 8.89
CB MSE A 137 9.90 22.73 9.14
CG MSE A 137 10.37 21.31 8.72
SE MSE A 137 10.91 20.24 10.19
CE MSE A 137 9.22 20.08 11.07
H MSE A 137 11.65 23.90 7.59
HA MSE A 137 9.01 23.31 7.39
HB2 MSE A 137 10.57 23.10 9.74
HB3 MSE A 137 9.05 22.64 9.59
HG2 MSE A 137 9.64 20.86 8.26
HG3 MSE A 137 11.12 21.40 8.12
HE1 MSE A 137 9.33 19.54 11.87
HE2 MSE A 137 8.90 20.97 11.31
HE3 MSE A 137 8.59 19.66 10.47
N SER A 138 8.10 25.36 8.25
CA SER A 138 7.60 26.70 8.43
C SER A 138 6.26 26.67 9.17
N LYS A 139 5.92 27.76 9.83
CA LYS A 139 4.62 27.94 10.45
C LYS A 139 3.66 28.61 9.49
N PHE A 140 2.63 27.87 9.11
CA PHE A 140 1.62 28.32 8.15
C PHE A 140 0.38 28.97 8.79
N THR A 141 -0.07 30.06 8.20
CA THR A 141 -1.39 30.62 8.48
C THR A 141 -2.05 30.87 7.13
N THR A 142 -3.28 30.41 7.02
CA THR A 142 -3.98 30.33 5.76
C THR A 142 -5.33 31.03 5.82
N THR A 143 -5.52 32.04 4.98
CA THR A 143 -6.78 32.75 4.83
C THR A 143 -7.42 32.29 3.53
N ILE A 144 -8.70 32.07 3.58
CA ILE A 144 -9.44 31.56 2.41
C ILE A 144 -10.69 32.41 2.24
N VAL A 145 -10.89 32.92 1.01
CA VAL A 145 -12.07 33.72 0.68
C VAL A 145 -12.79 33.09 -0.51
N ALA A 146 -14.11 32.97 -0.40
CA ALA A 146 -14.96 32.36 -1.43
C ALA A 146 -16.41 32.75 -1.27
N ASP A 147 -17.18 32.57 -2.34
CA ASP A 147 -18.61 32.68 -2.28
C ASP A 147 -19.15 31.73 -1.23
N LYS A 148 -19.99 32.22 -0.32
CA LYS A 148 -20.50 31.37 0.76
C LYS A 148 -21.44 30.26 0.32
N LYS A 149 -22.35 30.53 -0.59
CA LYS A 149 -23.35 29.50 -0.91
C LYS A 149 -22.69 28.36 -1.68
N ARG A 150 -21.72 28.68 -2.52
CA ARG A 150 -21.00 27.66 -3.29
C ARG A 150 -19.90 26.91 -2.51
N TYR A 151 -19.21 27.66 -1.66
CA TYR A 151 -18.14 27.11 -0.82
C TYR A 151 -18.37 27.44 0.65
N PRO A 152 -19.40 26.82 1.26
CA PRO A 152 -19.70 27.11 2.68
C PRO A 152 -18.67 26.54 3.65
N VAL A 153 -17.92 25.52 3.22
CA VAL A 153 -16.93 24.86 4.07
C VAL A 153 -15.56 25.22 3.53
N LEU A 154 -14.74 25.87 4.37
CA LEU A 154 -13.43 26.35 4.00
C LEU A 154 -12.45 25.89 5.06
N LEU A 155 -11.60 24.95 4.70
CA LEU A 155 -10.69 24.30 5.68
C LEU A 155 -9.23 24.38 5.29
N SER A 156 -8.36 24.55 6.30
CA SER A 156 -6.96 24.31 6.11
C SER A 156 -6.42 23.75 7.45
N ASN A 157 -5.13 23.49 7.51
CA ASN A 157 -4.53 22.89 8.72
C ASN A 157 -4.63 23.76 9.95
N GLY A 158 -4.88 23.11 11.09
CA GLY A 158 -4.68 23.75 12.37
C GLY A 158 -5.98 24.26 12.99
N ASN A 159 -5.87 25.44 13.59
CA ASN A 159 -6.92 26.06 14.38
C ASN A 159 -7.62 27.17 13.63
N LYS A 160 -8.95 27.23 13.67
CA LYS A 160 -9.65 28.32 13.01
C LYS A 160 -9.66 29.52 13.95
N ILE A 161 -8.91 30.57 13.63
CA ILE A 161 -8.70 31.68 14.55
C ILE A 161 -9.46 32.97 14.20
N ASP A 162 -10.05 33.01 13.03
CA ASP A 162 -10.83 34.19 12.61
C ASP A 162 -11.66 33.85 11.37
N GLY A 163 -12.58 34.75 11.04
CA GLY A 163 -13.43 34.57 9.87
C GLY A 163 -14.47 35.66 9.86
N GLY A 164 -15.19 35.78 8.74
CA GLY A 164 -16.23 36.77 8.65
C GLY A 164 -16.94 36.72 7.32
N GLU A 165 -17.80 37.72 7.11
CA GLU A 165 -18.65 37.82 5.93
C GLU A 165 -18.48 39.14 5.19
N PHE A 166 -18.75 39.10 3.89
CA PHE A 166 -18.84 40.29 3.06
C PHE A 166 -20.24 40.49 2.47
N SER A 167 -20.58 41.71 2.10
CA SER A 167 -21.95 42.02 1.70
C SER A 167 -22.26 41.49 0.30
N ASP A 168 -21.21 41.11 -0.44
CA ASP A 168 -21.39 40.59 -1.79
C ASP A 168 -21.61 39.07 -1.82
N GLY A 169 -21.82 38.47 -0.65
CA GLY A 169 -22.08 37.04 -0.56
C GLY A 169 -20.86 36.16 -0.33
N ARG A 170 -19.68 36.77 -0.30
N ARG A 170 -19.68 36.77 -0.31
CA ARG A 170 -18.46 36.02 -0.01
CA ARG A 170 -18.46 36.05 0.01
C ARG A 170 -18.23 35.95 1.50
C ARG A 170 -18.30 35.91 1.52
N HIS A 171 -17.51 34.93 1.94
CA HIS A 171 -17.07 34.83 3.34
C HIS A 171 -15.64 34.36 3.36
N TRP A 172 -15.05 34.40 4.55
CA TRP A 172 -13.65 34.05 4.71
C TRP A 172 -13.38 33.40 6.05
N VAL A 173 -12.29 32.65 6.08
CA VAL A 173 -11.79 32.03 7.29
C VAL A 173 -10.27 32.15 7.35
N LYS A 174 -9.73 32.10 8.57
CA LYS A 174 -8.30 32.09 8.79
C LYS A 174 -7.92 30.94 9.71
N TRP A 175 -7.00 30.11 9.21
CA TRP A 175 -6.51 28.94 9.90
C TRP A 175 -5.05 29.08 10.28
N GLU A 176 -4.74 28.88 11.55
CA GLU A 176 -3.39 28.97 12.04
CA GLU A 176 -3.36 28.95 12.04
C GLU A 176 -2.92 27.58 12.50
N ASP A 177 -1.90 27.04 11.83
CA ASP A 177 -1.30 25.77 12.28
C ASP A 177 0.02 26.14 13.00
N PRO A 178 0.04 26.01 14.32
CA PRO A 178 1.19 26.48 15.14
C PRO A 178 2.43 25.59 15.07
N PHE A 179 2.28 24.40 14.51
CA PHE A 179 3.39 23.44 14.34
C PHE A 179 4.11 23.62 13.01
N SER A 180 5.38 23.97 13.09
CA SER A 180 6.25 24.04 11.88
C SER A 180 6.11 22.77 11.10
N LYS A 181 5.98 22.92 9.80
CA LYS A 181 5.80 21.76 8.93
C LYS A 181 6.42 22.00 7.58
N PRO A 182 6.83 20.91 6.91
CA PRO A 182 7.18 20.95 5.51
C PRO A 182 5.94 21.17 4.65
N SER A 183 6.18 21.68 3.45
CA SER A 183 5.12 22.02 2.57
C SER A 183 4.27 20.83 2.12
N TYR A 184 4.83 19.61 2.13
CA TYR A 184 4.03 18.45 1.66
C TYR A 184 2.84 18.17 2.57
N LEU A 185 2.83 18.77 3.76
CA LEU A 185 1.74 18.55 4.74
C LEU A 185 0.68 19.63 4.71
N PHE A 186 0.82 20.59 3.81
CA PHE A 186 -0.22 21.60 3.64
C PHE A 186 -1.46 21.00 3.01
N ALA A 187 -2.63 21.43 3.47
CA ALA A 187 -3.88 21.08 2.76
C ALA A 187 -4.89 22.20 2.83
N LEU A 188 -5.77 22.20 1.84
CA LEU A 188 -6.89 23.13 1.77
C LEU A 188 -8.06 22.41 1.15
N VAL A 189 -9.26 22.68 1.67
CA VAL A 189 -10.51 22.18 1.10
C VAL A 189 -11.52 23.30 1.09
N ALA A 190 -12.25 23.41 -0.02
CA ALA A 190 -13.27 24.44 -0.16
C ALA A 190 -14.43 23.81 -0.86
N GLY A 191 -15.62 23.90 -0.29
CA GLY A 191 -16.73 23.25 -0.95
C GLY A 191 -18.01 23.16 -0.16
N ASP A 192 -18.98 22.47 -0.76
CA ASP A 192 -20.24 22.20 -0.11
C ASP A 192 -20.19 20.74 0.33
N LEU A 193 -19.87 20.53 1.61
CA LEU A 193 -19.72 19.18 2.18
C LEU A 193 -20.53 19.08 3.46
N ALA A 194 -20.97 17.87 3.78
CA ALA A 194 -21.70 17.58 5.00
C ALA A 194 -20.70 17.17 6.06
N VAL A 195 -21.00 17.43 7.32
CA VAL A 195 -20.07 17.09 8.38
C VAL A 195 -20.69 16.08 9.34
N THR A 196 -19.82 15.18 9.79
CA THR A 196 -20.15 14.25 10.85
C THR A 196 -19.23 14.59 12.03
N GLU A 197 -19.83 14.84 13.19
CA GLU A 197 -19.10 15.30 14.35
C GLU A 197 -19.01 14.24 15.46
N ASP A 198 -17.87 14.19 16.13
CA ASP A 198 -17.65 13.32 17.26
C ASP A 198 -16.51 13.92 18.07
N TYR A 199 -16.02 13.18 19.06
CA TYR A 199 -14.84 13.61 19.81
C TYR A 199 -14.13 12.47 20.48
N PHE A 200 -12.92 12.76 20.94
CA PHE A 200 -12.08 11.84 21.68
C PHE A 200 -11.47 12.66 22.82
N THR A 201 -11.42 12.10 24.02
CA THR A 201 -10.72 12.73 25.12
C THR A 201 -9.36 12.06 25.34
N THR A 202 -8.31 12.85 25.29
CA THR A 202 -6.96 12.31 25.43
C THR A 202 -6.71 11.92 26.87
N MSE A 203 -5.59 11.22 27.06
CA MSE A 203 -5.29 10.69 28.37
C MSE A 203 -4.93 11.81 29.35
O MSE A 203 -4.89 11.58 30.56
CB MSE A 203 -4.18 9.66 28.27
CG MSE A 203 -2.92 10.27 27.85
SE MSE A 203 -1.59 8.91 27.51
CE MSE A 203 -0.38 10.12 26.69
H MSE A 203 -5.00 11.05 26.45
HA MSE A 203 -6.08 10.23 28.71
HB2 MSE A 203 -4.03 9.27 29.14
HB3 MSE A 203 -4.42 8.99 27.62
HG2 MSE A 203 -3.06 10.77 27.02
HG3 MSE A 203 -2.58 10.85 28.55
HE1 MSE A 203 0.42 9.63 26.41
HE2 MSE A 203 -0.81 10.52 25.91
HE3 MSE A 203 -0.15 10.81 27.32
N SER A 204 -4.69 13.03 28.85
CA SER A 204 -4.42 14.17 29.75
CA SER A 204 -4.41 14.19 29.71
C SER A 204 -5.69 14.97 29.99
N GLY A 205 -6.80 14.49 29.46
CA GLY A 205 -8.11 15.07 29.73
C GLY A 205 -8.58 16.13 28.75
N ARG A 206 -7.95 16.20 27.58
CA ARG A 206 -8.32 17.19 26.58
C ARG A 206 -9.21 16.60 25.51
N ASN A 207 -10.38 17.20 25.35
CA ASN A 207 -11.28 16.90 24.25
C ASN A 207 -10.67 17.27 22.92
N VAL A 208 -10.77 16.36 21.95
CA VAL A 208 -10.42 16.63 20.57
C VAL A 208 -11.67 16.52 19.71
N LYS A 209 -12.07 17.64 19.12
CA LYS A 209 -13.20 17.63 18.21
C LYS A 209 -12.83 16.86 16.94
N ILE A 210 -13.70 15.95 16.52
CA ILE A 210 -13.49 15.15 15.32
C ILE A 210 -14.54 15.56 14.33
N GLU A 211 -14.13 15.86 13.10
CA GLU A 211 -15.05 16.21 12.03
C GLU A 211 -14.70 15.47 10.76
N PHE A 212 -15.65 14.69 10.23
CA PHE A 212 -15.50 14.03 8.93
C PHE A 212 -16.40 14.73 7.92
N TYR A 213 -15.83 15.13 6.81
CA TYR A 213 -16.55 15.80 5.74
C TYR A 213 -16.73 14.88 4.56
N THR A 214 -17.96 14.84 4.06
CA THR A 214 -18.32 13.97 2.95
C THR A 214 -19.40 14.65 2.14
N THR A 215 -19.77 14.09 0.98
CA THR A 215 -21.02 14.56 0.37
C THR A 215 -22.20 14.25 1.32
N GLU A 216 -23.28 14.97 1.10
CA GLU A 216 -24.53 14.77 1.83
C GLU A 216 -25.00 13.33 1.70
N ALA A 217 -24.93 12.79 0.50
CA ALA A 217 -25.43 11.44 0.25
C ALA A 217 -24.53 10.37 0.90
N ASP A 218 -23.23 10.68 1.02
CA ASP A 218 -22.23 9.75 1.55
C ASP A 218 -22.14 9.75 3.08
N LYS A 219 -22.76 10.72 3.77
CA LYS A 219 -22.55 10.87 5.21
C LYS A 219 -22.93 9.61 5.99
N PRO A 220 -23.99 8.90 5.57
CA PRO A 220 -24.38 7.69 6.33
C PRO A 220 -23.37 6.56 6.28
N LYS A 221 -22.41 6.64 5.37
CA LYS A 221 -21.37 5.63 5.30
C LYS A 221 -20.07 5.95 6.03
N VAL A 222 -20.02 7.02 6.82
CA VAL A 222 -18.74 7.45 7.39
C VAL A 222 -18.55 6.96 8.84
N GLY A 223 -19.59 6.40 9.45
CA GLY A 223 -19.52 5.96 10.84
C GLY A 223 -18.41 5.02 11.27
N PHE A 224 -18.08 4.03 10.44
CA PHE A 224 -17.05 3.08 10.80
C PHE A 224 -15.66 3.73 10.85
N ALA A 225 -15.41 4.65 9.92
CA ALA A 225 -14.18 5.42 9.88
C ALA A 225 -14.03 6.26 11.14
N VAL A 226 -15.12 6.90 11.57
CA VAL A 226 -15.09 7.67 12.81
C VAL A 226 -14.74 6.78 14.02
N GLU A 227 -15.39 5.64 14.17
CA GLU A 227 -15.05 4.71 15.26
C GLU A 227 -13.59 4.26 15.16
N SER A 228 -13.13 4.04 13.94
CA SER A 228 -11.76 3.57 13.73
C SER A 228 -10.74 4.60 14.17
N LEU A 229 -11.02 5.86 13.86
CA LEU A 229 -10.14 6.93 14.33
C LEU A 229 -10.07 6.98 15.85
N LYS A 230 -11.22 6.97 16.50
CA LYS A 230 -11.22 6.95 17.96
C LYS A 230 -10.45 5.74 18.50
N ASN A 231 -10.57 4.59 17.86
CA ASN A 231 -9.79 3.41 18.30
C ASN A 231 -8.28 3.65 18.10
N ALA A 232 -7.93 4.29 16.98
CA ALA A 232 -6.54 4.55 16.62
C ALA A 232 -5.93 5.55 17.61
N MSE A 233 -6.71 6.56 18.02
CA MSE A 233 -6.22 7.54 18.99
C MSE A 233 -5.93 6.88 20.33
O MSE A 233 -4.87 7.12 20.95
CB MSE A 233 -7.22 8.67 19.13
CG MSE A 233 -7.32 9.48 17.85
SE MSE A 233 -8.65 10.81 18.01
CE MSE A 233 -7.52 12.10 18.87
H MSE A 233 -7.52 6.69 17.75
HA MSE A 233 -5.39 7.91 18.65
HB2 MSE A 233 -8.09 8.30 19.33
HB3 MSE A 233 -6.92 9.26 19.84
HG2 MSE A 233 -6.46 9.92 17.68
HG3 MSE A 233 -7.54 8.89 17.11
HE1 MSE A 233 -8.04 12.91 19.05
HE2 MSE A 233 -7.19 11.73 19.71
HE3 MSE A 233 -6.78 12.31 18.29
N LYS A 234 -6.86 6.03 20.77
CA LYS A 234 -6.71 5.36 22.05
C LYS A 234 -5.50 4.43 21.98
N TRP A 235 -5.37 3.72 20.87
CA TRP A 235 -4.29 2.75 20.72
C TRP A 235 -2.91 3.40 20.73
N ASP A 236 -2.77 4.54 20.06
CA ASP A 236 -1.46 5.18 20.06
C ASP A 236 -1.10 5.63 21.47
N GLU A 237 -2.09 5.97 22.30
CA GLU A 237 -1.79 6.28 23.68
C GLU A 237 -1.35 5.03 24.46
N THR A 238 -2.08 3.94 24.32
CA THR A 238 -1.84 2.79 25.22
C THR A 238 -0.61 2.00 24.77
N ARG A 239 -0.40 1.94 23.46
CA ARG A 239 0.70 1.12 22.91
C ARG A 239 2.00 1.91 22.81
N PHE A 240 1.92 3.15 22.34
CA PHE A 240 3.11 3.96 22.09
C PHE A 240 3.28 5.14 23.03
N GLY A 241 2.28 5.39 23.88
CA GLY A 241 2.31 6.55 24.76
C GLY A 241 2.22 7.88 24.03
N LEU A 242 1.58 7.89 22.86
CA LEU A 242 1.51 9.08 22.01
C LEU A 242 0.10 9.73 22.04
N GLU A 243 0.09 11.01 22.34
CA GLU A 243 -1.12 11.82 22.50
C GLU A 243 -1.27 12.80 21.33
N TYR A 244 -2.49 13.01 20.85
CA TYR A 244 -2.73 14.04 19.84
C TYR A 244 -2.46 15.45 20.39
N ASP A 245 -2.21 16.42 19.49
CA ASP A 245 -1.60 17.69 19.91
C ASP A 245 -2.35 18.94 19.47
N LEU A 246 -3.55 18.78 18.91
CA LEU A 246 -4.51 19.85 18.59
C LEU A 246 -5.85 19.51 19.23
N ASP A 247 -6.79 20.46 19.30
CA ASP A 247 -8.11 20.14 19.84
C ASP A 247 -9.12 19.87 18.69
N ILE A 248 -8.60 19.68 17.47
CA ILE A 248 -9.40 19.46 16.26
C ILE A 248 -8.68 18.49 15.32
N PHE A 249 -9.42 17.54 14.78
CA PHE A 249 -8.87 16.59 13.83
C PHE A 249 -9.96 16.45 12.77
N MSE A 250 -9.63 16.86 11.55
CA MSE A 250 -10.55 16.82 10.39
C MSE A 250 -10.12 15.76 9.39
O MSE A 250 -8.92 15.56 9.17
CB MSE A 250 -10.59 18.19 9.71
CG MSE A 250 -11.26 19.27 10.58
SE MSE A 250 -11.02 20.98 9.76
CE MSE A 250 -9.23 21.35 10.28
H MSE A 250 -8.86 17.17 11.35
HA MSE A 250 -11.44 16.60 10.71
HB2 MSE A 250 -9.70 18.48 9.52
HB3 MSE A 250 -11.11 18.11 8.89
HG2 MSE A 250 -12.20 19.09 10.66
HG3 MSE A 250 -10.84 19.29 11.46
HE1 MSE A 250 -8.96 22.21 9.92
HE2 MSE A 250 -9.18 21.37 11.24
HE3 MSE A 250 -8.65 20.66 9.93
N VAL A 251 -11.11 15.10 8.80
CA VAL A 251 -10.90 14.13 7.74
C VAL A 251 -11.88 14.47 6.64
N VAL A 252 -11.40 14.54 5.40
CA VAL A 252 -12.23 14.89 4.25
C VAL A 252 -12.15 13.79 3.20
N ALA A 253 -13.31 13.33 2.71
CA ALA A 253 -13.37 12.32 1.67
C ALA A 253 -13.41 12.99 0.30
N VAL A 254 -12.64 12.44 -0.65
CA VAL A 254 -12.64 12.94 -2.01
C VAL A 254 -12.67 11.78 -3.04
N GLY A 255 -13.52 11.91 -4.06
CA GLY A 255 -13.80 10.81 -4.97
C GLY A 255 -12.76 10.74 -6.10
N ASP A 256 -12.02 11.82 -6.27
CA ASP A 256 -10.96 11.88 -7.28
C ASP A 256 -9.63 12.06 -6.54
N PHE A 257 -8.83 11.00 -6.53
CA PHE A 257 -7.62 11.00 -5.68
C PHE A 257 -6.67 9.94 -6.22
N ASN A 258 -5.42 10.32 -6.41
CA ASN A 258 -4.41 9.41 -6.98
C ASN A 258 -4.04 8.24 -6.08
N MSE A 259 -4.05 8.47 -4.77
CA MSE A 259 -3.59 7.46 -3.83
C MSE A 259 -4.71 7.08 -2.86
O MSE A 259 -5.87 7.25 -3.17
CB MSE A 259 -2.38 8.00 -3.09
CG MSE A 259 -2.64 9.30 -2.32
SE MSE A 259 -2.72 10.88 -3.48
CE MSE A 259 -1.01 10.72 -4.41
H MSE A 259 -4.32 9.19 -4.41
HA MSE A 259 -3.32 6.67 -4.32
HB2 MSE A 259 -2.10 7.33 -2.44
HB3 MSE A 259 -1.66 8.16 -3.72
HG2 MSE A 259 -3.48 9.22 -1.85
HG3 MSE A 259 -1.91 9.43 -1.68
HE1 MSE A 259 -0.92 11.45 -5.04
HE2 MSE A 259 -0.29 10.74 -3.76
HE3 MSE A 259 -0.99 9.87 -4.88
N GLY A 260 -4.34 6.58 -1.68
CA GLY A 260 -5.30 6.08 -0.72
C GLY A 260 -5.75 7.14 0.26
N ALA A 261 -4.79 7.86 0.88
CA ALA A 261 -5.09 8.88 1.86
C ALA A 261 -3.83 9.69 2.13
N MSE A 262 -3.96 10.73 2.93
CA MSE A 262 -2.90 11.73 3.12
C MSE A 262 -3.03 12.33 4.49
O MSE A 262 -4.12 12.81 4.88
CB MSE A 262 -2.96 12.83 2.06
CG MSE A 262 -1.88 13.82 2.19
SE MSE A 262 -0.18 12.99 1.96
CE MSE A 262 0.81 14.00 3.16
H MSE A 262 -4.67 10.89 3.39
HA MSE A 262 -2.04 11.29 3.05
HB2 MSE A 262 -2.89 12.43 1.17
HB3 MSE A 262 -3.81 13.30 2.14
HG2 MSE A 262 -1.97 14.51 1.52
HG3 MSE A 262 -1.90 14.22 3.08
HE1 MSE A 262 1.72 13.69 3.16
HE2 MSE A 262 0.77 14.93 2.88
HE3 MSE A 262 0.42 13.91 4.04
N GLU A 263 -1.89 12.33 5.17
CA GLU A 263 -1.82 12.67 6.59
C GLU A 263 -1.67 14.16 6.96
N ASN A 264 -2.11 15.07 6.09
CA ASN A 264 -1.89 16.50 6.30
C ASN A 264 -2.31 16.87 7.71
N LYS A 265 -1.50 17.68 8.40
CA LYS A 265 -1.63 17.93 9.82
C LYS A 265 -3.02 18.46 10.15
N GLY A 266 -3.72 17.71 10.97
CA GLY A 266 -5.03 18.11 11.43
C GLY A 266 -6.14 18.09 10.39
N LEU A 267 -5.82 17.75 9.15
CA LEU A 267 -6.74 17.79 8.02
C LEU A 267 -6.38 16.69 7.02
N ASN A 268 -6.65 15.46 7.39
CA ASN A 268 -6.35 14.33 6.53
C ASN A 268 -7.34 14.37 5.33
N ILE A 269 -6.88 13.95 4.17
CA ILE A 269 -7.74 13.84 2.98
C ILE A 269 -7.65 12.38 2.53
N PHE A 270 -8.81 11.76 2.32
CA PHE A 270 -8.93 10.32 2.08
C PHE A 270 -9.63 10.08 0.77
N ASN A 271 -9.11 9.14 0.01
CA ASN A 271 -9.88 8.50 -1.03
C ASN A 271 -11.15 7.97 -0.41
N THR A 272 -12.29 8.18 -1.08
CA THR A 272 -13.57 7.64 -0.60
C THR A 272 -13.46 6.17 -0.22
N LYS A 273 -12.65 5.45 -0.97
CA LYS A 273 -12.49 4.02 -0.75
C LYS A 273 -12.04 3.63 0.67
N PHE A 274 -11.28 4.50 1.32
CA PHE A 274 -10.72 4.20 2.66
C PHE A 274 -11.38 5.00 3.77
N VAL A 275 -12.59 5.47 3.50
CA VAL A 275 -13.38 6.08 4.56
C VAL A 275 -14.88 5.77 4.52
N LEU A 276 -15.43 5.33 3.38
CA LEU A 276 -16.87 5.10 3.26
C LEU A 276 -17.21 3.61 3.23
N ALA A 277 -18.13 3.20 4.09
CA ALA A 277 -18.65 1.83 4.07
C ALA A 277 -19.99 1.72 4.74
N ASP A 278 -20.84 0.84 4.21
CA ASP A 278 -21.89 0.22 5.00
C ASP A 278 -22.00 -1.23 4.50
N SER A 279 -22.69 -2.09 5.23
CA SER A 279 -22.69 -3.48 4.83
C SER A 279 -23.35 -3.70 3.47
N ARG A 280 -24.28 -2.83 3.09
CA ARG A 280 -24.95 -3.03 1.81
C ARG A 280 -23.99 -2.87 0.61
N THR A 281 -23.01 -1.96 0.77
CA THR A 281 -22.16 -1.55 -0.35
C THR A 281 -20.69 -1.85 -0.19
N ALA A 282 -20.25 -2.25 1.00
CA ALA A 282 -18.82 -2.49 1.23
C ALA A 282 -18.58 -3.90 1.76
N THR A 283 -17.48 -4.53 1.33
CA THR A 283 -17.14 -5.85 1.82
C THR A 283 -16.44 -5.73 3.18
N ASP A 284 -16.36 -6.85 3.89
CA ASP A 284 -15.60 -6.94 5.13
C ASP A 284 -14.16 -6.46 4.90
N THR A 285 -13.57 -6.85 3.78
CA THR A 285 -12.21 -6.44 3.46
C THR A 285 -12.12 -4.92 3.29
N ASP A 286 -13.14 -4.29 2.71
CA ASP A 286 -13.18 -2.83 2.66
C ASP A 286 -13.22 -2.23 4.07
N PHE A 287 -14.03 -2.78 4.97
CA PHE A 287 -14.08 -2.29 6.34
C PHE A 287 -12.67 -2.40 6.99
N GLU A 288 -12.00 -3.53 6.79
CA GLU A 288 -10.67 -3.72 7.38
C GLU A 288 -9.69 -2.71 6.82
N GLY A 289 -9.88 -2.38 5.56
CA GLY A 289 -9.07 -1.38 4.88
C GLY A 289 -9.25 0.03 5.42
N ILE A 290 -10.49 0.40 5.67
CA ILE A 290 -10.77 1.67 6.32
C ILE A 290 -10.08 1.74 7.69
N GLU A 291 -10.25 0.69 8.51
CA GLU A 291 -9.59 0.66 9.81
C GLU A 291 -8.07 0.84 9.71
N SER A 292 -7.43 0.10 8.80
CA SER A 292 -5.98 0.19 8.57
C SER A 292 -5.53 1.59 8.14
N VAL A 293 -6.23 2.17 7.18
CA VAL A 293 -5.77 3.43 6.60
C VAL A 293 -6.14 4.65 7.47
N VAL A 294 -7.31 4.64 8.12
CA VAL A 294 -7.61 5.68 9.12
C VAL A 294 -6.53 5.63 10.21
N GLY A 295 -6.24 4.43 10.70
CA GLY A 295 -5.14 4.31 11.65
C GLY A 295 -3.82 4.90 11.11
N HIS A 296 -3.39 4.40 9.96
CA HIS A 296 -2.17 4.83 9.28
C HIS A 296 -2.03 6.34 9.24
N GLU A 297 -3.04 7.05 8.73
CA GLU A 297 -2.91 8.50 8.59
C GLU A 297 -2.84 9.16 9.96
N TYR A 298 -3.58 8.65 10.94
CA TYR A 298 -3.51 9.22 12.28
C TYR A 298 -2.12 8.99 12.91
N PHE A 299 -1.54 7.78 12.70
CA PHE A 299 -0.24 7.44 13.28
C PHE A 299 0.89 8.29 12.72
N HIS A 300 0.70 8.77 11.50
CA HIS A 300 1.65 9.70 10.89
C HIS A 300 1.78 10.97 11.70
N ASN A 301 0.80 11.32 12.54
CA ASN A 301 0.89 12.56 13.25
C ASN A 301 2.21 12.67 14.04
N TRP A 302 2.69 11.53 14.52
CA TRP A 302 4.00 11.47 15.19
C TRP A 302 5.05 10.96 14.23
N THR A 303 4.77 9.86 13.54
CA THR A 303 5.80 9.24 12.65
C THR A 303 5.59 9.73 11.21
N GLY A 304 6.06 10.95 10.99
CA GLY A 304 5.86 11.67 9.75
C GLY A 304 5.69 13.18 9.91
N ASN A 305 4.83 13.60 10.84
CA ASN A 305 4.52 15.02 10.97
C ASN A 305 5.37 15.64 12.09
N ARG A 306 5.22 15.16 13.32
CA ARG A 306 6.02 15.69 14.43
C ARG A 306 7.51 15.47 14.22
N VAL A 307 7.89 14.28 13.75
CA VAL A 307 9.19 14.00 13.17
C VAL A 307 9.01 13.70 11.67
N THR A 308 9.67 14.49 10.81
CA THR A 308 9.45 14.33 9.38
C THR A 308 10.74 13.87 8.67
N CYS A 309 10.76 13.97 7.34
CA CYS A 309 11.84 13.41 6.49
C CYS A 309 12.80 14.49 6.04
N ARG A 310 14.10 14.28 6.26
CA ARG A 310 15.12 15.22 5.79
C ARG A 310 15.06 15.44 4.27
N ASP A 311 14.75 14.38 3.52
CA ASP A 311 14.78 14.41 2.08
C ASP A 311 13.93 13.22 1.66
N TRP A 312 13.53 13.16 0.41
CA TRP A 312 12.61 12.12 -0.02
C TRP A 312 13.23 10.72 -0.12
N PHE A 313 14.55 10.65 -0.14
CA PHE A 313 15.18 9.34 -0.11
C PHE A 313 14.86 8.67 1.20
N GLN A 314 14.51 9.45 2.24
CA GLN A 314 14.20 8.90 3.57
C GLN A 314 12.70 8.55 3.74
N LEU A 315 11.95 8.47 2.63
CA LEU A 315 10.51 8.23 2.72
C LEU A 315 10.15 7.06 3.65
N SER A 316 10.89 5.96 3.56
CA SER A 316 10.57 4.82 4.44
C SER A 316 10.69 5.12 5.94
N LEU A 317 11.44 6.17 6.32
CA LEU A 317 11.51 6.57 7.72
C LEU A 317 10.12 6.80 8.30
N LYS A 318 9.27 7.46 7.53
CA LYS A 318 7.88 7.61 7.97
C LYS A 318 6.96 6.48 7.44
N GLU A 319 7.18 5.94 6.23
CA GLU A 319 6.20 5.00 5.69
C GLU A 319 6.40 3.57 6.17
N GLY A 320 7.63 3.06 6.18
CA GLY A 320 7.85 1.76 6.80
C GLY A 320 7.39 1.70 8.25
N LEU A 321 7.71 2.75 8.99
CA LEU A 321 7.35 2.80 10.38
C LEU A 321 5.85 2.94 10.55
N THR A 322 5.20 3.72 9.70
CA THR A 322 3.79 4.00 9.95
C THR A 322 3.00 2.79 9.47
N VAL A 323 3.49 2.12 8.41
CA VAL A 323 2.87 0.85 8.02
C VAL A 323 3.02 -0.21 9.14
N PHE A 324 4.20 -0.29 9.78
CA PHE A 324 4.38 -1.16 10.94
C PHE A 324 3.33 -0.83 12.01
N ARG A 325 3.18 0.46 12.29
CA ARG A 325 2.19 0.92 13.26
C ARG A 325 0.77 0.52 12.86
N ASP A 326 0.38 0.65 11.58
CA ASP A 326 -1.01 0.35 11.24
C ASP A 326 -1.20 -1.17 11.29
N GLN A 327 -0.17 -1.95 10.96
CA GLN A 327 -0.25 -3.41 11.07
C GLN A 327 -0.43 -3.85 12.51
N GLU A 328 0.32 -3.23 13.42
CA GLU A 328 0.24 -3.57 14.82
C GLU A 328 -1.11 -3.14 15.45
N PHE A 329 -1.65 -2.02 14.96
CA PHE A 329 -2.98 -1.55 15.39
C PHE A 329 -4.04 -2.57 14.99
N SER A 330 -4.03 -2.97 13.72
CA SER A 330 -5.02 -3.92 13.24
C SER A 330 -4.85 -5.25 13.92
N GLY A 331 -3.59 -5.66 14.13
CA GLY A 331 -3.31 -6.92 14.79
C GLY A 331 -3.80 -6.93 16.22
N ASP A 332 -3.65 -5.80 16.91
CA ASP A 332 -4.11 -5.70 18.29
C ASP A 332 -5.64 -5.66 18.34
N ARG A 333 -6.29 -5.21 17.26
CA ARG A 333 -7.74 -5.14 17.26
C ARG A 333 -8.37 -6.52 17.19
N ALA A 334 -7.83 -7.39 16.31
CA ALA A 334 -8.44 -8.70 16.08
C ALA A 334 -7.53 -9.54 15.20
N SER A 335 -7.60 -10.86 15.36
CA SER A 335 -7.08 -11.77 14.34
C SER A 335 -5.61 -11.51 14.00
N ARG A 336 -4.75 -11.43 15.00
CA ARG A 336 -3.36 -11.01 14.72
C ARG A 336 -2.63 -11.97 13.77
N ALA A 337 -2.78 -13.26 13.98
CA ALA A 337 -2.00 -14.23 13.20
C ALA A 337 -2.43 -14.22 11.75
N VAL A 338 -3.74 -14.25 11.54
CA VAL A 338 -4.29 -14.25 10.19
C VAL A 338 -3.91 -12.98 9.44
N ARG A 339 -4.00 -11.84 10.11
CA ARG A 339 -3.62 -10.57 9.47
C ARG A 339 -2.13 -10.53 9.17
N ARG A 340 -1.31 -11.09 10.06
CA ARG A 340 0.12 -11.19 9.78
C ARG A 340 0.39 -12.00 8.51
N ILE A 341 -0.27 -13.14 8.33
CA ILE A 341 -0.08 -13.95 7.12
C ILE A 341 -0.51 -13.11 5.89
N GLU A 342 -1.62 -12.38 6.04
CA GLU A 342 -2.13 -11.58 4.92
C GLU A 342 -1.07 -10.57 4.48
N ASN A 343 -0.36 -10.02 5.47
CA ASN A 343 0.67 -9.03 5.22
C ASN A 343 1.88 -9.69 4.53
N ILE A 344 2.25 -10.87 5.01
CA ILE A 344 3.36 -11.61 4.39
C ILE A 344 3.00 -11.99 2.97
N ARG A 345 1.78 -12.47 2.77
CA ARG A 345 1.31 -12.87 1.44
C ARG A 345 1.38 -11.69 0.46
N LEU A 346 0.93 -10.52 0.89
CA LEU A 346 1.01 -9.33 0.04
C LEU A 346 2.48 -8.96 -0.29
N LEU A 347 3.39 -9.06 0.68
CA LEU A 347 4.80 -8.74 0.42
C LEU A 347 5.35 -9.67 -0.65
N ARG A 348 5.10 -10.96 -0.53
CA ARG A 348 5.69 -11.93 -1.45
C ARG A 348 5.02 -11.90 -2.83
N GLN A 349 3.75 -11.50 -2.88
CA GLN A 349 3.05 -11.50 -4.16
C GLN A 349 3.34 -10.25 -4.95
N HIS A 350 3.71 -9.18 -4.26
CA HIS A 350 3.86 -7.88 -4.91
C HIS A 350 5.21 -7.22 -4.69
N GLN A 351 5.81 -7.39 -3.51
CA GLN A 351 7.08 -6.74 -3.26
C GLN A 351 8.23 -7.60 -3.78
N PHE A 352 8.16 -8.91 -3.61
CA PHE A 352 9.23 -9.79 -4.08
C PHE A 352 9.44 -9.63 -5.60
N PRO A 353 8.35 -9.61 -6.41
CA PRO A 353 8.62 -9.36 -7.83
C PRO A 353 9.28 -8.02 -8.12
N GLU A 354 8.97 -6.98 -7.34
CA GLU A 354 9.66 -5.69 -7.51
C GLU A 354 11.16 -5.82 -7.27
N ASP A 355 11.53 -6.49 -6.17
CA ASP A 355 12.94 -6.68 -5.84
C ASP A 355 13.67 -7.56 -6.86
N ALA A 356 12.93 -8.37 -7.61
CA ALA A 356 13.55 -9.27 -8.60
C ALA A 356 13.60 -8.64 -9.99
N GLY A 357 12.95 -7.50 -10.13
CA GLY A 357 12.69 -6.92 -11.44
C GLY A 357 13.51 -5.69 -11.71
N PRO A 358 13.25 -5.06 -12.86
CA PRO A 358 14.08 -3.96 -13.36
C PRO A 358 13.98 -2.69 -12.56
N THR A 359 12.92 -2.54 -11.77
CA THR A 359 12.75 -1.33 -10.97
C THR A 359 13.17 -1.53 -9.51
N ALA A 360 13.87 -2.62 -9.22
CA ALA A 360 14.28 -2.92 -7.85
C ALA A 360 15.05 -1.75 -7.28
N HIS A 361 14.79 -1.43 -6.02
CA HIS A 361 15.51 -0.37 -5.31
C HIS A 361 15.67 -0.69 -3.82
N PRO A 362 16.64 -0.04 -3.16
CA PRO A 362 16.74 -0.21 -1.71
C PRO A 362 15.57 0.46 -1.04
N VAL A 363 15.27 0.00 0.16
CA VAL A 363 14.28 0.64 1.02
C VAL A 363 14.57 2.14 1.19
N ARG A 364 15.84 2.53 1.28
CA ARG A 364 16.27 3.93 1.15
C ARG A 364 17.00 4.11 -0.17
N PRO A 365 16.29 4.49 -1.25
CA PRO A 365 16.98 4.61 -2.53
C PRO A 365 18.14 5.60 -2.53
N ALA A 366 19.11 5.36 -3.42
CA ALA A 366 20.27 6.26 -3.54
C ALA A 366 20.07 7.29 -4.66
N SER A 367 19.09 7.06 -5.51
CA SER A 367 18.79 8.01 -6.58
C SER A 367 17.34 7.84 -7.05
N TYR A 368 16.81 8.87 -7.70
CA TYR A 368 15.49 8.77 -8.37
C TYR A 368 15.42 9.89 -9.40
N GLU A 369 14.59 9.69 -10.42
CA GLU A 369 14.27 10.75 -11.39
C GLU A 369 12.99 11.45 -10.93
N GLU A 370 11.92 10.69 -10.72
CA GLU A 370 10.64 11.25 -10.28
C GLU A 370 10.23 10.59 -8.95
N MSE A 371 10.11 11.38 -7.88
CA MSE A 371 9.84 10.79 -6.57
C MSE A 371 8.49 10.10 -6.50
O MSE A 371 8.31 9.17 -5.71
CB MSE A 371 9.94 11.87 -5.51
CG MSE A 371 9.74 11.39 -4.09
SE MSE A 371 11.05 10.04 -3.73
CE MSE A 371 10.10 9.03 -2.41
H MSE A 371 10.19 12.23 -7.89
HA MSE A 371 10.53 10.14 -6.39
HB2 MSE A 371 10.83 12.28 -5.56
HB3 MSE A 371 9.27 12.55 -5.69
HG2 MSE A 371 9.86 12.13 -3.47
HG3 MSE A 371 8.85 11.00 -4.00
HE1 MSE A 371 10.65 8.29 -2.12
HE2 MSE A 371 9.89 9.62 -1.65
HE3 MSE A 371 9.27 8.70 -2.80
N ASN A 372 7.53 10.48 -7.33
CA ASN A 372 6.26 9.80 -7.28
C ASN A 372 6.37 8.34 -7.66
N ASN A 373 7.46 7.95 -8.33
CA ASN A 373 7.68 6.56 -8.67
C ASN A 373 8.16 5.70 -7.52
N PHE A 374 8.41 6.32 -6.35
CA PHE A 374 9.03 5.60 -5.24
C PHE A 374 8.11 5.45 -4.02
N TYR A 375 6.81 5.62 -4.24
CA TYR A 375 5.80 5.25 -3.23
C TYR A 375 5.49 3.77 -3.48
N THR A 376 6.44 2.92 -3.11
CA THR A 376 6.46 1.52 -3.58
C THR A 376 6.21 0.48 -2.53
N MSE A 377 5.89 -0.73 -3.00
CA MSE A 377 5.82 -1.89 -2.13
C MSE A 377 7.12 -2.03 -1.29
O MSE A 377 7.10 -2.47 -0.15
CB MSE A 377 5.63 -3.17 -2.95
CG MSE A 377 4.31 -3.30 -3.65
SE MSE A 377 2.89 -3.50 -2.41
CE MSE A 377 3.50 -5.02 -1.38
H MSE A 377 5.71 -0.89 -3.82
HA MSE A 377 5.06 -1.80 -1.53
HB2 MSE A 377 6.33 -3.20 -3.63
HB3 MSE A 377 5.73 -3.93 -2.36
HG2 MSE A 377 4.15 -2.49 -4.18
HG3 MSE A 377 4.32 -4.07 -4.22
HE1 MSE A 377 2.85 -5.22 -0.70
HE2 MSE A 377 3.60 -5.78 -1.98
HE3 MSE A 377 4.36 -4.80 -0.97
N THR A 378 8.27 -1.73 -1.91
CA THR A 378 9.54 -1.85 -1.21
C THR A 378 9.65 -0.83 -0.06
N VAL A 379 9.40 0.42 -0.34
CA VAL A 379 9.51 1.46 0.67
C VAL A 379 8.49 1.26 1.80
N TYR A 380 7.30 0.77 1.44
CA TYR A 380 6.20 0.64 2.38
C TYR A 380 6.25 -0.69 3.10
N GLU A 381 5.99 -1.76 2.36
CA GLU A 381 5.83 -3.08 2.97
C GLU A 381 7.16 -3.73 3.37
N LYS A 382 8.17 -3.70 2.51
CA LYS A 382 9.48 -4.18 2.96
C LYS A 382 10.00 -3.24 4.05
N GLY A 383 9.72 -1.95 3.92
CA GLY A 383 10.08 -0.98 4.97
C GLY A 383 9.54 -1.37 6.34
N ALA A 384 8.30 -1.81 6.37
CA ALA A 384 7.65 -2.27 7.59
C ALA A 384 8.30 -3.54 8.11
N GLU A 385 8.66 -4.46 7.22
CA GLU A 385 9.39 -5.65 7.67
C GLU A 385 10.72 -5.28 8.32
N VAL A 386 11.40 -4.27 7.79
CA VAL A 386 12.64 -3.82 8.40
C VAL A 386 12.38 -3.25 9.81
N VAL A 387 11.37 -2.40 9.97
CA VAL A 387 11.02 -1.91 11.31
C VAL A 387 10.69 -3.08 12.24
N ARG A 388 9.89 -4.02 11.73
CA ARG A 388 9.51 -5.17 12.52
C ARG A 388 10.73 -6.01 12.96
N MSE A 389 11.82 -5.99 12.19
CA MSE A 389 13.00 -6.72 12.64
C MSE A 389 13.65 -6.04 13.85
O MSE A 389 14.19 -6.73 14.70
CB MSE A 389 14.00 -6.92 11.52
CG MSE A 389 13.62 -8.05 10.63
SE MSE A 389 15.00 -8.37 9.32
CE MSE A 389 14.65 -6.94 8.13
H MSE A 389 11.91 -5.58 11.44
HA MSE A 389 12.71 -7.60 12.93
HB2 MSE A 389 14.05 -6.11 10.98
HB3 MSE A 389 14.88 -7.12 11.90
HG2 MSE A 389 13.50 -8.86 11.16
HG3 MSE A 389 12.80 -7.83 10.16
HE1 MSE A 389 15.29 -6.97 7.40
HE2 MSE A 389 13.74 -7.03 7.78
HE3 MSE A 389 14.74 -6.10 8.61
N TYR A 390 13.57 -4.70 13.97
CA TYR A 390 14.00 -4.06 15.23
C TYR A 390 13.21 -4.66 16.39
N HIS A 391 11.90 -4.79 16.17
CA HIS A 391 11.02 -5.31 17.19
C HIS A 391 11.36 -6.76 17.55
N THR A 392 11.72 -7.56 16.56
CA THR A 392 12.07 -8.96 16.77
C THR A 392 13.42 -9.07 17.52
N LEU A 393 14.36 -8.21 17.17
CA LEU A 393 15.67 -8.19 17.84
C LEU A 393 15.62 -7.67 19.29
N LEU A 394 14.76 -6.68 19.53
CA LEU A 394 14.80 -5.90 20.77
C LEU A 394 13.71 -6.23 21.78
N GLY A 395 12.61 -6.79 21.31
CA GLY A 395 11.43 -6.97 22.12
C GLY A 395 10.60 -5.70 22.16
N GLU A 396 9.34 -5.85 22.56
CA GLU A 396 8.43 -4.70 22.61
C GLU A 396 8.99 -3.59 23.49
N GLU A 397 9.45 -3.94 24.69
CA GLU A 397 9.95 -2.92 25.62
C GLU A 397 11.15 -2.16 25.06
N GLY A 398 12.11 -2.88 24.48
CA GLY A 398 13.29 -2.27 23.87
C GLY A 398 12.91 -1.43 22.66
N PHE A 399 11.97 -1.93 21.88
CA PHE A 399 11.53 -1.21 20.72
C PHE A 399 10.93 0.13 21.19
N GLN A 400 10.14 0.11 22.25
CA GLN A 400 9.55 1.34 22.76
C GLN A 400 10.62 2.26 23.38
N LYS A 401 11.72 1.71 23.93
CA LYS A 401 12.81 2.56 24.38
C LYS A 401 13.37 3.36 23.20
N GLY A 402 13.53 2.68 22.07
CA GLY A 402 14.04 3.31 20.87
C GLY A 402 13.09 4.38 20.37
N MSE A 403 11.79 4.06 20.29
CA MSE A 403 10.76 5.04 19.94
C MSE A 403 10.84 6.26 20.84
O MSE A 403 10.79 7.40 20.36
CB MSE A 403 9.36 4.43 20.08
CG MSE A 403 9.02 3.29 19.15
SE MSE A 403 9.18 3.73 17.29
CE MSE A 403 7.99 5.21 17.23
H MSE A 403 11.49 3.27 20.45
HA MSE A 403 10.88 5.31 19.02
HB2 MSE A 403 9.26 4.11 20.98
HB3 MSE A 403 8.71 5.14 19.93
HG2 MSE A 403 9.61 2.55 19.33
HG3 MSE A 403 8.09 3.03 19.31
HE1 MSE A 403 7.95 5.56 16.33
HE2 MSE A 403 7.10 4.91 17.51
HE3 MSE A 403 8.31 5.90 17.84
N LYS A 404 10.97 6.02 22.14
CA LYS A 404 10.99 7.14 23.08
C LYS A 404 12.20 8.02 22.80
N LEU A 405 13.37 7.42 22.55
CA LEU A 405 14.57 8.24 22.34
C LEU A 405 14.47 8.98 21.00
N TYR A 406 13.90 8.32 20.00
CA TYR A 406 13.69 8.93 18.68
C TYR A 406 12.93 10.25 18.78
N PHE A 407 11.83 10.24 19.51
CA PHE A 407 11.03 11.45 19.67
C PHE A 407 11.72 12.50 20.54
N GLN A 408 12.40 12.06 21.61
CA GLN A 408 13.17 12.98 22.46
C GLN A 408 14.19 13.76 21.63
N ARG A 409 14.94 13.03 20.79
CA ARG A 409 15.97 13.62 19.97
C ARG A 409 15.46 14.46 18.82
N HIS A 410 14.39 13.98 18.20
CA HIS A 410 14.05 14.49 16.87
C HIS A 410 12.70 15.14 16.70
N ASP A 411 11.93 15.30 17.77
CA ASP A 411 10.69 16.07 17.69
C ASP A 411 10.93 17.44 17.05
N GLY A 412 10.16 17.75 16.01
CA GLY A 412 10.30 19.03 15.34
C GLY A 412 11.37 19.07 14.28
N GLN A 413 12.02 17.94 14.03
CA GLN A 413 13.09 17.87 13.04
C GLN A 413 12.72 17.03 11.81
N ALA A 414 13.50 17.23 10.74
CA ALA A 414 13.41 16.47 9.52
C ALA A 414 14.66 15.59 9.44
N VAL A 415 14.49 14.28 9.61
CA VAL A 415 15.63 13.39 9.83
C VAL A 415 15.69 12.18 8.89
N THR A 416 16.60 11.24 9.17
CA THR A 416 16.95 10.17 8.25
C THR A 416 16.70 8.77 8.82
N CYS A 417 16.65 7.77 7.96
CA CYS A 417 16.61 6.36 8.41
C CYS A 417 17.73 6.07 9.40
N ASP A 418 18.90 6.64 9.15
CA ASP A 418 20.07 6.45 10.02
C ASP A 418 19.78 6.91 11.43
N ASP A 419 19.06 8.02 11.56
CA ASP A 419 18.69 8.54 12.87
C ASP A 419 17.73 7.63 13.63
N PHE A 420 16.81 6.99 12.92
CA PHE A 420 15.92 6.03 13.57
C PHE A 420 16.70 4.81 14.07
N ARG A 421 17.58 4.27 13.20
CA ARG A 421 18.40 3.13 13.58
C ARG A 421 19.24 3.49 14.81
N ALA A 422 19.75 4.70 14.84
CA ALA A 422 20.64 5.11 15.94
C ALA A 422 19.86 5.25 17.22
N ALA A 423 18.64 5.76 17.10
CA ALA A 423 17.79 5.84 18.30
C ALA A 423 17.54 4.43 18.86
N MSE A 424 17.26 3.48 17.97
CA MSE A 424 17.05 2.08 18.39
C MSE A 424 18.32 1.49 18.99
O MSE A 424 18.27 0.83 20.02
CB MSE A 424 16.63 1.21 17.19
CG MSE A 424 15.23 1.46 16.73
SE MSE A 424 13.97 0.75 18.01
CE MSE A 424 12.31 1.61 17.47
H MSE A 424 17.19 3.60 17.12
HA MSE A 424 16.35 2.06 19.04
HB2 MSE A 424 17.23 1.40 16.44
HB3 MSE A 424 16.71 0.28 17.45
HG2 MSE A 424 15.09 2.41 16.65
HG3 MSE A 424 15.09 1.02 15.88
HE1 MSE A 424 11.60 1.32 18.06
HE2 MSE A 424 12.43 2.58 17.54
HE3 MSE A 424 12.11 1.36 16.56
N ALA A 425 19.44 1.72 18.33
CA ALA A 425 20.72 1.19 18.82
C ALA A 425 21.07 1.81 20.16
N ASP A 426 21.10 3.13 20.23
CA ASP A 426 21.56 3.81 21.43
C ASP A 426 20.65 3.56 22.64
N ALA A 427 19.35 3.51 22.42
CA ALA A 427 18.41 3.34 23.52
C ALA A 427 18.56 1.98 24.17
N ASN A 428 19.14 1.03 23.44
CA ASN A 428 19.22 -0.35 23.92
C ASN A 428 20.67 -0.77 24.12
N GLY A 429 21.61 0.15 23.92
CA GLY A 429 23.02 -0.11 24.12
C GLY A 429 23.58 -1.23 23.27
N ILE A 430 23.09 -1.37 22.05
CA ILE A 430 23.59 -2.41 21.14
C ILE A 430 24.06 -1.82 19.81
N ASN A 431 24.91 -2.55 19.11
CA ASN A 431 25.42 -2.09 17.84
C ASN A 431 24.54 -2.61 16.70
N LEU A 432 23.99 -1.68 15.93
CA LEU A 432 23.15 -2.02 14.78
C LEU A 432 23.77 -1.51 13.49
N ASP A 433 25.10 -1.40 13.45
CA ASP A 433 25.77 -0.94 12.24
C ASP A 433 25.43 -1.81 11.01
N GLN A 434 25.46 -3.13 11.16
CA GLN A 434 25.25 -4.03 10.04
C GLN A 434 23.80 -3.93 9.56
N PHE A 435 22.94 -3.57 10.48
CA PHE A 435 21.51 -3.48 10.17
C PHE A 435 21.26 -2.44 9.10
N ALA A 436 22.15 -1.46 8.98
CA ALA A 436 22.00 -0.43 7.98
C ALA A 436 21.87 -0.98 6.55
N LEU A 437 22.45 -2.15 6.30
CA LEU A 437 22.34 -2.71 4.96
C LEU A 437 20.90 -3.03 4.53
N TRP A 438 19.97 -3.17 5.48
CA TRP A 438 18.54 -3.32 5.14
C TRP A 438 17.96 -2.09 4.45
N TYR A 439 18.60 -0.93 4.67
CA TYR A 439 18.24 0.31 4.00
C TYR A 439 18.92 0.53 2.64
N SER A 440 20.14 0.01 2.50
CA SER A 440 20.98 0.35 1.35
C SER A 440 21.16 -0.76 0.33
N GLN A 441 20.87 -2.01 0.71
CA GLN A 441 20.94 -3.15 -0.21
C GLN A 441 19.59 -3.62 -0.68
N ALA A 442 19.39 -3.50 -1.98
CA ALA A 442 18.21 -4.02 -2.63
C ALA A 442 18.31 -5.51 -2.85
N GLY A 443 17.17 -6.09 -3.25
CA GLY A 443 17.06 -7.50 -3.55
C GLY A 443 16.62 -8.36 -2.37
N THR A 444 16.01 -9.51 -2.67
CA THR A 444 15.59 -10.47 -1.63
C THR A 444 16.74 -11.40 -1.25
N PRO A 445 17.19 -11.36 0.02
CA PRO A 445 18.21 -12.35 0.40
C PRO A 445 17.68 -13.77 0.28
N VAL A 446 18.55 -14.69 -0.12
CA VAL A 446 18.23 -16.12 -0.18
C VAL A 446 19.06 -16.88 0.84
N LEU A 447 18.36 -17.62 1.69
CA LEU A 447 18.99 -18.44 2.72
C LEU A 447 18.91 -19.90 2.29
N GLU A 448 20.06 -20.57 2.31
CA GLU A 448 20.15 -22.01 2.15
C GLU A 448 20.43 -22.60 3.51
N ALA A 449 19.62 -23.55 3.94
CA ALA A 449 19.79 -24.13 5.27
C ALA A 449 19.79 -25.66 5.21
N GLU A 450 20.52 -26.28 6.13
CA GLU A 450 20.60 -27.73 6.24
C GLU A 450 20.64 -28.10 7.70
N GLY A 451 20.14 -29.30 8.03
CA GLY A 451 20.03 -29.71 9.41
C GLY A 451 20.42 -31.16 9.61
N ARG A 452 21.18 -31.42 10.67
CA ARG A 452 21.55 -32.78 11.08
C ARG A 452 21.52 -32.88 12.60
N LEU A 453 21.08 -34.02 13.12
CA LEU A 453 21.19 -34.30 14.54
C LEU A 453 22.37 -35.25 14.75
N LYS A 454 23.53 -34.70 15.11
CA LYS A 454 24.71 -35.49 15.43
C LYS A 454 24.91 -35.48 16.94
N ASN A 455 24.96 -36.68 17.53
CA ASN A 455 24.92 -36.86 18.97
C ASN A 455 23.63 -36.26 19.54
N ASN A 456 23.74 -35.35 20.51
CA ASN A 456 22.56 -34.75 21.12
C ASN A 456 22.42 -33.30 20.74
N ILE A 457 23.00 -32.95 19.60
CA ILE A 457 23.00 -31.57 19.09
C ILE A 457 22.32 -31.52 17.72
N PHE A 458 21.31 -30.67 17.57
CA PHE A 458 20.78 -30.41 16.24
C PHE A 458 21.60 -29.31 15.60
N GLU A 459 22.26 -29.66 14.50
CA GLU A 459 23.19 -28.77 13.86
C GLU A 459 22.54 -28.10 12.63
N LEU A 460 22.25 -26.81 12.72
CA LEU A 460 21.60 -26.07 11.63
C LEU A 460 22.60 -25.15 10.98
N THR A 461 22.95 -25.46 9.73
CA THR A 461 23.83 -24.64 8.93
C THR A 461 23.00 -23.74 8.02
N VAL A 462 23.34 -22.45 7.98
CA VAL A 462 22.62 -21.47 7.17
C VAL A 462 23.58 -20.59 6.37
N LYS A 463 23.32 -20.45 5.08
CA LYS A 463 24.10 -19.56 4.22
C LYS A 463 23.21 -18.46 3.71
N GLN A 464 23.76 -17.26 3.51
CA GLN A 464 23.01 -16.19 2.88
C GLN A 464 23.72 -15.69 1.62
N THR A 465 22.90 -15.36 0.65
CA THR A 465 23.34 -14.64 -0.52
C THR A 465 22.33 -13.56 -0.89
N VAL A 466 22.81 -12.45 -1.45
CA VAL A 466 21.95 -11.38 -1.88
C VAL A 466 22.35 -11.06 -3.30
N PRO A 467 21.42 -11.14 -4.26
CA PRO A 467 21.79 -10.95 -5.66
C PRO A 467 22.08 -9.51 -6.03
N PRO A 468 22.93 -9.32 -7.04
CA PRO A 468 23.03 -8.02 -7.70
C PRO A 468 21.65 -7.51 -8.12
N THR A 469 21.47 -6.20 -8.06
CA THR A 469 20.30 -5.53 -8.58
C THR A 469 20.82 -4.42 -9.50
N PRO A 470 19.93 -3.81 -10.30
CA PRO A 470 20.44 -2.91 -11.37
C PRO A 470 21.22 -1.71 -10.82
N ASP A 471 20.95 -1.36 -9.58
CA ASP A 471 21.63 -0.28 -8.90
C ASP A 471 22.97 -0.63 -8.25
N MSE A 472 23.22 -1.92 -8.03
CA MSE A 472 24.34 -2.34 -7.19
C MSE A 472 24.68 -3.83 -7.34
O MSE A 472 23.84 -4.71 -7.11
CB MSE A 472 24.03 -2.05 -5.73
CG MSE A 472 25.11 -2.45 -4.76
SE MSE A 472 24.56 -2.12 -2.95
CE MSE A 472 24.71 -0.19 -3.01
H MSE A 472 22.75 -2.57 -8.33
HA MSE A 472 25.13 -1.82 -7.43
HB2 MSE A 472 23.88 -1.10 -5.62
HB3 MSE A 472 23.21 -2.54 -5.49
HG2 MSE A 472 25.29 -3.40 -4.85
HG3 MSE A 472 25.92 -1.94 -4.94
HE1 MSE A 472 24.46 0.17 -2.15
HE2 MSE A 472 25.62 0.05 -3.21
HE3 MSE A 472 24.12 0.15 -3.70
N THR A 473 25.92 -4.13 -7.70
CA THR A 473 26.36 -5.51 -7.76
C THR A 473 26.84 -6.05 -6.41
N ASP A 474 27.70 -5.32 -5.70
CA ASP A 474 28.24 -5.83 -4.44
C ASP A 474 27.15 -5.89 -3.37
N LYS A 475 27.01 -7.05 -2.72
CA LYS A 475 26.08 -7.17 -1.59
C LYS A 475 26.82 -7.89 -0.49
N GLN A 476 26.87 -7.27 0.68
CA GLN A 476 27.56 -7.85 1.81
C GLN A 476 26.59 -8.60 2.71
N PRO A 477 27.10 -9.52 3.56
CA PRO A 477 26.22 -10.26 4.45
C PRO A 477 25.39 -9.34 5.29
N MSE A 478 24.15 -9.72 5.55
CA MSE A 478 23.22 -8.86 6.28
C MSE A 478 22.93 -9.47 7.63
O MSE A 478 23.27 -10.61 7.87
CB MSE A 478 21.93 -8.67 5.47
CG MSE A 478 22.25 -7.86 4.25
SE MSE A 478 20.88 -7.84 2.95
CE MSE A 478 19.74 -6.69 3.84
H MSE A 478 23.82 -10.48 5.32
HA MSE A 478 23.63 -7.99 6.41
HB2 MSE A 478 21.58 -9.52 5.20
HB3 MSE A 478 21.29 -8.18 6.01
HG2 MSE A 478 22.41 -6.95 4.52
HG3 MSE A 478 23.04 -8.24 3.83
HE1 MSE A 478 18.95 -6.56 3.30
HE2 MSE A 478 19.50 -7.09 4.69
HE3 MSE A 478 20.20 -5.85 3.97
N MSE A 479 22.29 -8.69 8.50
CA MSE A 479 21.89 -9.16 9.82
C MSE A 479 20.48 -9.69 9.72
O MSE A 479 19.53 -8.92 9.60
CB MSE A 479 21.95 -8.03 10.85
CG MSE A 479 21.62 -8.49 12.24
SE MSE A 479 21.60 -7.03 13.46
CE MSE A 479 23.32 -6.21 13.14
H MSE A 479 22.07 -7.87 8.34
HA MSE A 479 22.48 -9.87 10.11
HB2 MSE A 479 22.84 -7.66 10.86
HB3 MSE A 479 21.30 -7.34 10.60
HG2 MSE A 479 20.74 -8.90 12.24
HG3 MSE A 479 22.28 -9.13 12.53
HE1 MSE A 479 23.40 -5.43 13.73
HE2 MSE A 479 24.02 -6.85 13.33
HE3 MSE A 479 23.36 -5.91 12.22
N ILE A 480 20.34 -11.01 9.82
CA ILE A 480 19.10 -11.70 9.48
C ILE A 480 18.63 -12.60 10.64
N PRO A 481 17.59 -12.16 11.38
CA PRO A 481 17.05 -12.99 12.47
C PRO A 481 16.20 -14.13 11.92
N VAL A 482 16.53 -15.36 12.31
CA VAL A 482 15.82 -16.56 11.89
C VAL A 482 15.25 -17.23 13.12
N LYS A 483 13.94 -17.08 13.33
CA LYS A 483 13.29 -17.63 14.50
C LYS A 483 12.98 -19.10 14.23
N VAL A 484 13.31 -19.97 15.18
CA VAL A 484 13.21 -21.41 14.93
C VAL A 484 12.63 -22.21 16.09
N GLY A 485 12.20 -23.42 15.79
CA GLY A 485 11.74 -24.37 16.78
C GLY A 485 11.93 -25.76 16.21
N LEU A 486 11.64 -26.78 17.01
CA LEU A 486 11.78 -28.18 16.61
C LEU A 486 10.52 -29.00 16.91
N LEU A 487 10.11 -29.82 15.95
CA LEU A 487 9.02 -30.77 16.15
C LEU A 487 9.57 -32.21 16.18
N ASN A 488 9.04 -33.05 17.06
CA ASN A 488 9.33 -34.48 16.99
C ASN A 488 8.34 -35.17 16.05
N ARG A 489 8.50 -36.49 15.90
CA ARG A 489 7.68 -37.26 14.96
C ARG A 489 6.20 -37.18 15.30
N ASN A 490 5.88 -36.80 16.52
CA ASN A 490 4.50 -36.61 16.95
C ASN A 490 4.02 -35.16 16.81
N GLY A 491 4.82 -34.34 16.14
CA GLY A 491 4.47 -32.94 15.97
C GLY A 491 4.45 -32.17 17.27
N GLU A 492 5.13 -32.69 18.29
CA GLU A 492 5.22 -31.99 19.57
C GLU A 492 6.43 -31.09 19.59
N ALA A 493 6.33 -29.99 20.31
CA ALA A 493 7.46 -29.09 20.47
C ALA A 493 8.57 -29.81 21.21
N VAL A 494 9.81 -29.64 20.74
CA VAL A 494 10.98 -30.19 21.39
C VAL A 494 11.86 -29.05 21.89
N ALA A 495 12.36 -29.19 23.11
CA ALA A 495 13.21 -28.17 23.72
C ALA A 495 14.67 -28.36 23.32
N PHE A 496 15.45 -27.29 23.42
CA PHE A 496 16.86 -27.32 23.07
C PHE A 496 17.60 -26.23 23.84
N ASP A 497 18.92 -26.35 23.94
CA ASP A 497 19.71 -25.35 24.58
C ASP A 497 20.40 -24.44 23.59
N TYR A 498 20.33 -23.13 23.82
CA TYR A 498 20.97 -22.16 22.96
C TYR A 498 21.34 -20.94 23.75
N GLN A 499 22.61 -20.60 23.65
CA GLN A 499 23.20 -19.54 24.40
C GLN A 499 22.84 -19.64 25.88
N GLY A 500 23.11 -20.80 26.45
CA GLY A 500 22.80 -21.09 27.82
C GLY A 500 21.36 -20.80 28.24
N LYS A 501 20.41 -21.33 27.49
CA LYS A 501 18.99 -21.27 27.83
C LYS A 501 18.22 -22.42 27.21
N ARG A 502 17.45 -23.12 28.03
CA ARG A 502 16.58 -24.21 27.59
C ARG A 502 15.23 -23.65 27.22
N ALA A 503 14.81 -23.87 25.98
CA ALA A 503 13.56 -23.29 25.50
C ALA A 503 13.00 -24.04 24.30
N THR A 504 11.81 -23.66 23.88
CA THR A 504 11.13 -24.29 22.75
C THR A 504 11.30 -23.44 21.48
N GLU A 505 11.85 -22.25 21.65
CA GLU A 505 11.99 -21.32 20.54
C GLU A 505 13.22 -20.45 20.75
N ALA A 506 13.85 -20.06 19.63
CA ALA A 506 15.02 -19.20 19.67
C ALA A 506 15.04 -18.35 18.40
N VAL A 507 15.63 -17.16 18.51
CA VAL A 507 15.98 -16.36 17.33
C VAL A 507 17.48 -16.55 17.07
N LEU A 508 17.80 -17.16 15.94
CA LEU A 508 19.18 -17.33 15.49
C LEU A 508 19.59 -16.13 14.64
N LEU A 509 20.60 -15.39 15.08
CA LEU A 509 21.00 -14.18 14.37
C LEU A 509 22.14 -14.49 13.40
N LEU A 510 21.78 -14.53 12.11
CA LEU A 510 22.73 -14.82 11.05
C LEU A 510 23.35 -13.50 10.64
N THR A 511 24.66 -13.37 10.81
CA THR A 511 25.35 -12.13 10.46
C THR A 511 26.46 -12.37 9.44
N GLU A 512 26.83 -13.64 9.26
CA GLU A 512 27.91 -13.99 8.33
C GLU A 512 27.37 -14.63 7.06
N ALA A 513 28.24 -14.75 6.06
CA ALA A 513 27.87 -15.41 4.82
C ALA A 513 27.41 -16.83 5.11
N GLU A 514 28.05 -17.48 6.09
CA GLU A 514 27.67 -18.83 6.46
C GLU A 514 27.93 -19.06 7.95
N GLN A 515 26.97 -19.68 8.63
CA GLN A 515 27.08 -19.95 10.06
C GLN A 515 26.42 -21.27 10.40
N THR A 516 26.91 -21.88 11.47
CA THR A 516 26.29 -23.07 12.02
C THR A 516 25.83 -22.77 13.44
N PHE A 517 24.55 -23.05 13.71
CA PHE A 517 23.96 -22.83 15.01
C PHE A 517 23.81 -24.17 15.71
N LEU A 518 24.24 -24.25 16.97
CA LEU A 518 24.17 -25.50 17.71
C LEU A 518 23.04 -25.49 18.73
N LEU A 519 22.03 -26.30 18.45
CA LEU A 519 20.88 -26.42 19.32
C LEU A 519 21.06 -27.68 20.15
N GLU A 520 21.62 -27.50 21.34
CA GLU A 520 22.14 -28.62 22.10
C GLU A 520 21.08 -29.26 22.97
N GLY A 521 21.38 -30.48 23.42
CA GLY A 521 20.52 -31.21 24.34
C GLY A 521 19.26 -31.73 23.70
N VAL A 522 19.37 -32.20 22.46
CA VAL A 522 18.23 -32.71 21.72
C VAL A 522 18.26 -34.22 21.65
N THR A 523 17.32 -34.86 22.34
CA THR A 523 17.39 -36.31 22.57
C THR A 523 16.48 -37.15 21.67
N GLU A 524 15.84 -36.52 20.70
CA GLU A 524 15.01 -37.26 19.75
C GLU A 524 15.00 -36.60 18.38
N ALA A 525 14.74 -37.40 17.36
CA ALA A 525 14.70 -36.94 15.99
C ALA A 525 13.76 -35.75 15.87
N VAL A 526 14.20 -34.73 15.15
CA VAL A 526 13.41 -33.51 15.01
C VAL A 526 13.33 -33.05 13.57
N VAL A 527 12.28 -32.27 13.30
CA VAL A 527 12.14 -31.50 12.08
C VAL A 527 12.14 -30.03 12.49
N PRO A 528 12.98 -29.21 11.87
CA PRO A 528 13.03 -27.82 12.32
C PRO A 528 11.86 -26.98 11.79
N SER A 529 11.43 -26.04 12.62
CA SER A 529 10.47 -25.02 12.24
C SER A 529 11.25 -23.74 11.98
N LEU A 530 11.21 -23.21 10.76
CA LEU A 530 12.16 -22.17 10.37
C LEU A 530 11.52 -20.86 9.92
N LEU A 531 12.11 -19.74 10.34
CA LEU A 531 11.66 -18.40 9.93
C LEU A 531 10.27 -18.10 10.50
N ARG A 532 10.03 -18.54 11.72
CA ARG A 532 8.73 -18.37 12.39
C ARG A 532 8.28 -16.92 12.40
N GLY A 533 7.00 -16.71 12.12
CA GLY A 533 6.43 -15.37 12.04
C GLY A 533 6.97 -14.57 10.86
N PHE A 534 7.67 -15.26 9.94
CA PHE A 534 8.38 -14.62 8.83
C PHE A 534 9.32 -13.56 9.42
N SER A 535 10.32 -14.07 10.14
CA SER A 535 11.12 -13.26 11.03
C SER A 535 12.09 -12.35 10.29
N ALA A 536 12.30 -12.62 9.00
CA ALA A 536 13.07 -11.72 8.11
C ALA A 536 12.51 -11.82 6.70
N PRO A 537 12.60 -10.75 5.90
CA PRO A 537 11.99 -10.74 4.56
C PRO A 537 12.91 -11.39 3.52
N VAL A 538 12.90 -12.72 3.48
CA VAL A 538 13.87 -13.49 2.72
C VAL A 538 13.19 -14.70 2.09
N HIS A 539 13.90 -15.30 1.13
CA HIS A 539 13.59 -16.63 0.63
C HIS A 539 14.40 -17.63 1.48
N LEU A 540 13.78 -18.68 1.99
CA LEU A 540 14.54 -19.72 2.69
C LEU A 540 14.27 -21.07 2.04
N ASN A 541 15.35 -21.77 1.75
CA ASN A 541 15.32 -23.10 1.17
C ASN A 541 15.86 -24.09 2.18
N TYR A 542 15.04 -25.07 2.53
CA TYR A 542 15.42 -26.15 3.42
C TYR A 542 14.86 -27.44 2.82
N PRO A 543 15.65 -28.53 2.88
CA PRO A 543 15.15 -29.75 2.22
C PRO A 543 14.12 -30.47 3.07
N TYR A 544 12.85 -30.11 2.89
CA TYR A 544 11.75 -30.81 3.50
C TYR A 544 11.16 -31.84 2.57
N SER A 545 10.85 -33.02 3.09
CA SER A 545 10.07 -34.00 2.35
C SER A 545 8.63 -33.55 2.33
N ASP A 546 7.80 -34.16 1.49
CA ASP A 546 6.36 -33.86 1.55
C ASP A 546 5.86 -34.21 2.94
N ASP A 547 6.31 -35.35 3.47
CA ASP A 547 5.87 -35.78 4.79
C ASP A 547 6.26 -34.78 5.88
N ASP A 548 7.44 -34.18 5.77
CA ASP A 548 7.84 -33.09 6.66
C ASP A 548 6.86 -31.92 6.61
N LEU A 549 6.39 -31.60 5.40
CA LEU A 549 5.51 -30.45 5.22
C LEU A 549 4.15 -30.76 5.84
N LEU A 550 3.67 -32.00 5.70
CA LEU A 550 2.42 -32.39 6.34
C LEU A 550 2.53 -32.25 7.87
N LEU A 551 3.67 -32.66 8.43
CA LEU A 551 3.86 -32.59 9.88
C LEU A 551 3.80 -31.15 10.37
N LEU A 552 4.45 -30.26 9.64
CA LEU A 552 4.43 -28.85 9.96
C LEU A 552 3.02 -28.31 9.85
N LEU A 553 2.35 -28.62 8.74
CA LEU A 553 1.00 -28.13 8.49
C LEU A 553 0.02 -28.60 9.57
N ALA A 554 0.19 -29.84 10.02
CA ALA A 554 -0.71 -30.45 11.00
C ALA A 554 -0.46 -29.99 12.44
N HIS A 555 0.79 -29.70 12.78
CA HIS A 555 1.18 -29.62 14.18
C HIS A 555 1.97 -28.40 14.64
N ASP A 556 2.57 -27.64 13.72
CA ASP A 556 3.45 -26.57 14.13
C ASP A 556 2.68 -25.54 14.93
N SER A 557 3.35 -24.90 15.87
CA SER A 557 2.72 -23.93 16.73
C SER A 557 2.72 -22.51 16.13
N ASP A 558 3.37 -22.31 14.98
CA ASP A 558 3.44 -20.97 14.40
C ASP A 558 2.56 -20.86 13.15
N ALA A 559 1.71 -19.86 13.12
CA ALA A 559 0.79 -19.69 12.00
C ALA A 559 1.52 -19.60 10.65
N PHE A 560 2.52 -18.75 10.56
CA PHE A 560 3.22 -18.61 9.28
C PHE A 560 3.83 -19.93 8.79
N THR A 561 4.57 -20.62 9.66
CA THR A 561 5.25 -21.84 9.21
C THR A 561 4.23 -22.91 8.83
N ARG A 562 3.10 -23.00 9.54
CA ARG A 562 2.01 -23.89 9.12
C ARG A 562 1.51 -23.53 7.72
N TRP A 563 1.23 -22.26 7.50
CA TRP A 563 0.72 -21.80 6.23
C TRP A 563 1.77 -21.97 5.13
N GLU A 564 3.03 -21.76 5.47
CA GLU A 564 4.10 -21.86 4.46
C GLU A 564 4.29 -23.30 4.01
N ALA A 565 4.02 -24.24 4.92
CA ALA A 565 4.07 -25.66 4.59
C ALA A 565 3.00 -25.98 3.55
N ALA A 566 1.79 -25.45 3.75
CA ALA A 566 0.74 -25.61 2.75
C ALA A 566 1.13 -24.96 1.43
N GLN A 567 1.60 -23.71 1.49
CA GLN A 567 2.02 -22.99 0.31
C GLN A 567 3.01 -23.82 -0.50
N THR A 568 3.93 -24.44 0.20
CA THR A 568 4.98 -25.23 -0.44
C THR A 568 4.39 -26.47 -1.14
N LEU A 569 3.42 -27.12 -0.52
CA LEU A 569 2.79 -28.29 -1.16
C LEU A 569 2.06 -27.84 -2.43
N TYR A 570 1.43 -26.68 -2.38
CA TYR A 570 0.76 -26.15 -3.57
C TYR A 570 1.78 -25.86 -4.67
N ARG A 571 2.90 -25.24 -4.30
CA ARG A 571 3.91 -24.89 -5.28
C ARG A 571 4.45 -26.15 -5.94
N ARG A 572 4.65 -27.20 -5.14
CA ARG A 572 5.15 -28.47 -5.68
C ARG A 572 4.10 -29.12 -6.58
N ALA A 573 2.83 -29.01 -6.24
CA ALA A 573 1.78 -29.56 -7.08
C ALA A 573 1.71 -28.83 -8.43
N VAL A 574 1.84 -27.50 -8.41
CA VAL A 574 1.83 -26.76 -9.67
C VAL A 574 3.05 -27.16 -10.53
N ALA A 575 4.22 -27.29 -9.92
CA ALA A 575 5.41 -27.72 -10.65
C ALA A 575 5.18 -29.08 -11.32
N ALA A 576 4.61 -30.02 -10.59
CA ALA A 576 4.26 -31.31 -11.15
C ALA A 576 3.29 -31.17 -12.32
N ASN A 577 2.28 -30.31 -12.18
CA ASN A 577 1.38 -30.03 -13.31
C ASN A 577 2.11 -29.48 -14.54
N LEU A 578 3.08 -28.59 -14.31
CA LEU A 578 3.82 -28.00 -15.44
C LEU A 578 4.51 -29.12 -16.21
N ALA A 579 5.07 -30.07 -15.49
CA ALA A 579 5.77 -31.20 -16.10
C ALA A 579 4.88 -32.07 -17.00
N THR A 580 3.74 -32.52 -16.48
CA THR A 580 2.84 -33.39 -17.24
C THR A 580 2.20 -32.69 -18.45
N LEU A 581 1.75 -31.46 -18.25
CA LEU A 581 1.17 -30.68 -19.33
C LEU A 581 2.20 -30.50 -20.43
N SER A 582 3.45 -30.28 -20.03
CA SER A 582 4.53 -30.18 -20.99
C SER A 582 4.76 -31.50 -21.71
N ASP A 583 4.75 -32.61 -20.96
CA ASP A 583 4.98 -33.93 -21.55
C ASP A 583 3.77 -34.47 -22.30
N GLY A 584 2.66 -33.73 -22.27
CA GLY A 584 1.46 -34.14 -22.98
C GLY A 584 0.84 -35.41 -22.44
N VAL A 585 0.83 -35.53 -21.12
CA VAL A 585 0.34 -36.72 -20.45
C VAL A 585 -0.67 -36.33 -19.37
N GLU A 586 -1.33 -37.34 -18.78
CA GLU A 586 -2.32 -37.12 -17.73
C GLU A 586 -1.75 -36.34 -16.54
N LEU A 587 -2.60 -35.58 -15.86
CA LEU A 587 -2.19 -34.79 -14.69
C LEU A 587 -1.76 -35.71 -13.54
N PRO A 588 -0.92 -35.19 -12.62
CA PRO A 588 -0.49 -35.96 -11.43
C PRO A 588 -1.64 -36.27 -10.48
N LYS A 589 -1.40 -37.12 -9.50
CA LYS A 589 -2.44 -37.49 -8.54
C LYS A 589 -2.47 -36.59 -7.30
N HIS A 590 -1.33 -35.95 -7.00
CA HIS A 590 -1.18 -35.09 -5.83
C HIS A 590 -1.68 -35.72 -4.52
N GLU A 591 -1.36 -36.98 -4.30
CA GLU A 591 -1.92 -37.74 -3.16
C GLU A 591 -1.69 -37.08 -1.81
N LYS A 592 -0.44 -36.75 -1.48
CA LYS A 592 -0.13 -36.13 -0.19
C LYS A 592 -0.84 -34.77 -0.01
N LEU A 593 -0.88 -33.97 -1.07
CA LEU A 593 -1.55 -32.67 -1.01
C LEU A 593 -3.02 -32.85 -0.67
N LEU A 594 -3.71 -33.69 -1.43
CA LEU A 594 -5.13 -33.89 -1.21
C LEU A 594 -5.40 -34.35 0.23
N ALA A 595 -4.54 -35.24 0.73
CA ALA A 595 -4.66 -35.70 2.12
C ALA A 595 -4.59 -34.52 3.07
N ALA A 596 -3.63 -33.63 2.83
CA ALA A 596 -3.46 -32.44 3.64
C ALA A 596 -4.68 -31.51 3.57
N VAL A 597 -5.20 -31.26 2.37
CA VAL A 597 -6.35 -30.35 2.21
C VAL A 597 -7.56 -30.99 2.88
N GLU A 598 -7.73 -32.28 2.66
CA GLU A 598 -8.83 -33.00 3.30
C GLU A 598 -8.79 -32.75 4.82
N LYS A 599 -7.62 -32.88 5.43
CA LYS A 599 -7.48 -32.62 6.85
C LYS A 599 -7.82 -31.17 7.18
N VAL A 600 -7.35 -30.23 6.35
CA VAL A 600 -7.63 -28.83 6.58
C VAL A 600 -9.12 -28.55 6.51
N ILE A 601 -9.77 -29.01 5.44
CA ILE A 601 -11.20 -28.78 5.29
C ILE A 601 -11.96 -29.28 6.52
N SER A 602 -11.65 -30.51 6.92
CA SER A 602 -12.40 -31.21 7.98
C SER A 602 -11.99 -30.80 9.40
N ASP A 603 -10.94 -30.00 9.54
CA ASP A 603 -10.48 -29.62 10.88
C ASP A 603 -11.43 -28.59 11.49
N ASP A 604 -12.03 -28.93 12.63
CA ASP A 604 -12.99 -28.05 13.28
C ASP A 604 -12.34 -27.09 14.27
N LEU A 605 -11.05 -27.31 14.55
CA LEU A 605 -10.29 -26.46 15.48
C LEU A 605 -9.65 -25.25 14.82
N LEU A 606 -9.52 -25.29 13.49
CA LEU A 606 -8.92 -24.19 12.76
C LEU A 606 -9.79 -22.95 12.74
N ASP A 607 -9.19 -21.81 13.04
CA ASP A 607 -9.86 -20.52 12.84
C ASP A 607 -10.36 -20.45 11.39
N ASN A 608 -11.56 -19.94 11.16
CA ASN A 608 -12.12 -20.03 9.82
C ASN A 608 -11.35 -19.17 8.81
N ALA A 609 -10.90 -18.00 9.23
CA ALA A 609 -10.12 -17.14 8.34
C ALA A 609 -8.73 -17.78 8.07
N PHE A 610 -8.20 -18.50 9.05
CA PHE A 610 -6.92 -19.20 8.85
C PHE A 610 -7.10 -20.33 7.86
N LYS A 611 -8.18 -21.10 8.06
CA LYS A 611 -8.52 -22.18 7.15
C LYS A 611 -8.63 -21.67 5.72
N ALA A 612 -9.31 -20.54 5.54
CA ALA A 612 -9.42 -19.91 4.22
C ALA A 612 -8.03 -19.67 3.63
N LEU A 613 -7.09 -19.23 4.45
CA LEU A 613 -5.73 -18.94 3.96
C LEU A 613 -5.01 -20.22 3.52
N LEU A 614 -5.24 -21.29 4.26
CA LEU A 614 -4.67 -22.59 3.95
C LEU A 614 -5.20 -23.21 2.65
N LEU A 615 -6.33 -22.69 2.16
CA LEU A 615 -6.93 -23.17 0.94
C LEU A 615 -6.69 -22.22 -0.22
N GLY A 616 -5.82 -21.22 0.00
CA GLY A 616 -5.42 -20.28 -1.04
C GLY A 616 -4.16 -20.80 -1.74
N VAL A 617 -4.20 -20.84 -3.06
CA VAL A 617 -3.07 -21.29 -3.88
C VAL A 617 -2.20 -20.09 -4.29
N PRO A 618 -0.86 -20.23 -4.23
CA PRO A 618 0.01 -19.13 -4.70
C PRO A 618 -0.35 -18.58 -6.08
N SER A 619 -0.12 -17.29 -6.29
CA SER A 619 -0.47 -16.61 -7.55
C SER A 619 0.51 -17.04 -8.63
N GLU A 620 0.15 -16.81 -9.89
CA GLU A 620 1.06 -17.10 -11.00
C GLU A 620 2.45 -16.47 -10.79
N ALA A 621 2.48 -15.20 -10.35
CA ALA A 621 3.74 -14.49 -10.12
C ALA A 621 4.62 -15.17 -9.07
N GLU A 622 4.02 -15.72 -8.02
CA GLU A 622 4.78 -16.48 -7.04
C GLU A 622 5.34 -17.72 -7.69
N LEU A 623 4.49 -18.36 -8.48
CA LEU A 623 4.84 -19.63 -9.09
C LEU A 623 5.98 -19.50 -10.10
N TRP A 624 6.07 -18.36 -10.80
CA TRP A 624 7.15 -18.21 -11.77
C TRP A 624 8.31 -17.36 -11.20
N ASP A 625 8.30 -17.11 -9.90
CA ASP A 625 9.44 -16.43 -9.26
C ASP A 625 10.73 -17.20 -9.52
N GLY A 626 11.72 -16.52 -10.09
CA GLY A 626 13.03 -17.10 -10.33
C GLY A 626 13.21 -17.76 -11.67
N ALA A 627 12.15 -17.80 -12.49
CA ALA A 627 12.20 -18.46 -13.79
C ALA A 627 12.67 -17.52 -14.90
N GLU A 628 13.18 -18.11 -15.97
CA GLU A 628 13.57 -17.42 -17.19
C GLU A 628 12.65 -17.89 -18.32
N ASN A 629 12.52 -17.08 -19.35
CA ASN A 629 11.80 -17.46 -20.57
C ASN A 629 10.40 -17.92 -20.26
N ILE A 630 9.73 -17.12 -19.42
CA ILE A 630 8.40 -17.40 -18.92
C ILE A 630 7.30 -17.27 -19.97
N ASP A 631 6.53 -18.35 -20.13
CA ASP A 631 5.23 -18.31 -20.76
C ASP A 631 4.17 -18.18 -19.67
N PRO A 632 3.62 -16.98 -19.47
CA PRO A 632 2.68 -16.83 -18.37
C PRO A 632 1.46 -17.73 -18.52
N LEU A 633 1.05 -18.04 -19.74
CA LEU A 633 -0.15 -18.85 -19.94
C LEU A 633 0.08 -20.29 -19.50
N ARG A 634 1.29 -20.80 -19.67
CA ARG A 634 1.60 -22.15 -19.17
C ARG A 634 1.46 -22.22 -17.65
N TYR A 635 2.01 -21.23 -16.92
CA TYR A 635 1.83 -21.15 -15.47
C TYR A 635 0.36 -20.99 -15.09
N HIS A 636 -0.35 -20.15 -15.83
CA HIS A 636 -1.78 -20.01 -15.61
C HIS A 636 -2.51 -21.34 -15.80
N GLN A 637 -2.21 -22.04 -16.89
CA GLN A 637 -2.87 -23.32 -17.18
C GLN A 637 -2.64 -24.31 -16.03
N ALA A 638 -1.40 -24.36 -15.55
CA ALA A 638 -1.03 -25.30 -14.50
C ALA A 638 -1.76 -24.95 -13.19
N ARG A 639 -1.79 -23.67 -12.85
CA ARG A 639 -2.49 -23.24 -11.63
C ARG A 639 -3.99 -23.52 -11.75
N GLU A 640 -4.57 -23.22 -12.91
CA GLU A 640 -5.99 -23.52 -13.14
C GLU A 640 -6.28 -25.00 -13.01
N ALA A 641 -5.39 -25.86 -13.54
CA ALA A 641 -5.60 -27.30 -13.46
C ALA A 641 -5.67 -27.76 -12.01
N LEU A 642 -4.82 -27.17 -11.17
CA LEU A 642 -4.79 -27.51 -9.76
C LEU A 642 -6.11 -27.10 -9.07
N LEU A 643 -6.58 -25.90 -9.39
CA LEU A 643 -7.82 -25.39 -8.81
C LEU A 643 -9.01 -26.23 -9.28
N ASP A 644 -9.01 -26.63 -10.55
CA ASP A 644 -10.02 -27.54 -11.10
C ASP A 644 -10.06 -28.84 -10.35
N THR A 645 -8.88 -29.43 -10.11
CA THR A 645 -8.77 -30.64 -9.33
C THR A 645 -9.29 -30.49 -7.90
N LEU A 646 -8.92 -29.41 -7.22
CA LEU A 646 -9.37 -29.22 -5.85
C LEU A 646 -10.90 -29.01 -5.83
N ALA A 647 -11.40 -28.32 -6.86
CA ALA A 647 -12.82 -28.00 -6.96
C ALA A 647 -13.65 -29.26 -7.16
N VAL A 648 -13.27 -30.03 -8.18
CA VAL A 648 -14.05 -31.22 -8.53
C VAL A 648 -13.82 -32.29 -7.49
N HIS A 649 -12.59 -32.46 -7.04
CA HIS A 649 -12.30 -33.52 -6.07
C HIS A 649 -13.05 -33.38 -4.75
N PHE A 650 -13.02 -32.19 -4.15
CA PHE A 650 -13.59 -32.01 -2.81
C PHE A 650 -15.00 -31.41 -2.82
N LEU A 651 -15.65 -31.43 -3.98
CA LEU A 651 -16.91 -30.72 -4.19
C LEU A 651 -17.96 -30.89 -3.09
N PRO A 652 -18.10 -32.10 -2.52
CA PRO A 652 -19.13 -32.29 -1.47
C PRO A 652 -18.79 -31.55 -0.18
N LYS A 653 -17.49 -31.44 0.09
CA LYS A 653 -17.05 -30.77 1.29
C LYS A 653 -17.14 -29.24 1.09
N TRP A 654 -16.99 -28.78 -0.16
CA TRP A 654 -17.15 -27.35 -0.45
C TRP A 654 -18.60 -26.95 -0.16
N HIS A 655 -19.54 -27.78 -0.57
CA HIS A 655 -20.95 -27.54 -0.27
C HIS A 655 -21.24 -27.63 1.23
N GLU A 656 -20.73 -28.66 1.88
CA GLU A 656 -20.91 -28.83 3.33
C GLU A 656 -20.33 -27.67 4.11
N LEU A 657 -19.13 -27.25 3.71
CA LEU A 657 -18.46 -26.16 4.40
C LEU A 657 -19.25 -24.88 4.16
N ASN A 658 -19.73 -24.71 2.93
CA ASN A 658 -20.56 -23.57 2.60
C ASN A 658 -21.80 -23.54 3.52
N ARG A 659 -22.45 -24.68 3.66
CA ARG A 659 -23.61 -24.79 4.52
C ARG A 659 -23.29 -24.43 5.97
N GLN A 660 -22.15 -24.89 6.47
CA GLN A 660 -21.77 -24.60 7.85
C GLN A 660 -21.52 -23.11 8.01
N ALA A 661 -20.80 -22.53 7.06
CA ALA A 661 -20.50 -21.09 7.11
C ALA A 661 -21.77 -20.24 7.10
N ALA A 662 -22.77 -20.67 6.34
CA ALA A 662 -24.03 -19.96 6.29
C ALA A 662 -24.73 -20.02 7.64
N LYS A 663 -24.72 -21.22 8.23
CA LYS A 663 -25.37 -21.42 9.51
C LYS A 663 -24.68 -20.59 10.59
N GLN A 664 -23.36 -20.63 10.64
CA GLN A 664 -22.62 -20.03 11.73
C GLN A 664 -22.55 -18.52 11.60
N GLU A 665 -22.73 -18.00 10.39
CA GLU A 665 -22.80 -16.56 10.19
C GLU A 665 -24.01 -16.02 10.95
N ASN A 666 -25.07 -16.83 11.05
CA ASN A 666 -26.20 -16.53 11.95
C ASN A 666 -26.91 -15.22 11.60
N GLN A 667 -26.97 -14.90 10.31
CA GLN A 667 -27.62 -13.68 9.83
C GLN A 667 -27.01 -12.38 10.39
N SER A 668 -25.77 -12.45 10.84
CA SER A 668 -25.08 -11.27 11.36
C SER A 668 -24.33 -10.59 10.20
N TYR A 669 -25.07 -9.80 9.43
CA TYR A 669 -24.57 -9.28 8.15
C TYR A 669 -23.66 -8.04 8.28
N GLU A 670 -23.69 -7.40 9.43
CA GLU A 670 -22.79 -6.29 9.66
C GLU A 670 -21.34 -6.76 9.82
N TYR A 671 -20.41 -5.82 9.66
CA TYR A 671 -18.99 -6.15 9.81
C TYR A 671 -18.66 -6.50 11.27
N SER A 672 -18.10 -7.70 11.48
CA SER A 672 -17.35 -8.04 12.69
C SER A 672 -16.29 -9.02 12.25
N PRO A 673 -15.16 -9.08 12.96
CA PRO A 673 -14.18 -10.08 12.55
C PRO A 673 -14.73 -11.51 12.61
N GLU A 674 -15.59 -11.81 13.58
CA GLU A 674 -16.10 -13.19 13.71
C GLU A 674 -16.99 -13.54 12.51
N ALA A 675 -17.98 -12.70 12.23
CA ALA A 675 -18.87 -12.93 11.08
C ALA A 675 -18.07 -12.94 9.77
N ALA A 676 -17.07 -12.08 9.68
CA ALA A 676 -16.31 -11.94 8.45
C ALA A 676 -15.53 -13.23 8.12
N GLY A 677 -15.06 -13.93 9.14
CA GLY A 677 -14.27 -15.13 8.90
C GLY A 677 -15.14 -16.25 8.32
N TRP A 678 -16.37 -16.31 8.77
CA TRP A 678 -17.32 -17.26 8.19
C TRP A 678 -17.57 -16.90 6.73
N ARG A 679 -17.72 -15.61 6.44
CA ARG A 679 -18.03 -15.17 5.08
C ARG A 679 -16.83 -15.38 4.18
N THR A 680 -15.63 -15.18 4.72
CA THR A 680 -14.42 -15.41 3.96
C THR A 680 -14.39 -16.89 3.52
N LEU A 681 -14.70 -17.81 4.43
CA LEU A 681 -14.67 -19.22 4.12
C LEU A 681 -15.78 -19.57 3.12
N ARG A 682 -16.95 -19.00 3.34
CA ARG A 682 -18.07 -19.15 2.45
C ARG A 682 -17.67 -18.80 1.03
N ASN A 683 -16.90 -17.73 0.87
CA ASN A 683 -16.62 -17.26 -0.47
C ASN A 683 -15.57 -18.11 -1.14
N VAL A 684 -14.65 -18.71 -0.37
CA VAL A 684 -13.75 -19.71 -0.93
C VAL A 684 -14.54 -20.92 -1.45
N CYS A 685 -15.51 -21.35 -0.67
CA CYS A 685 -16.37 -22.47 -1.05
C CYS A 685 -17.14 -22.14 -2.34
N ARG A 686 -17.68 -20.93 -2.43
CA ARG A 686 -18.46 -20.52 -3.60
C ARG A 686 -17.61 -20.60 -4.86
N ALA A 687 -16.37 -20.11 -4.77
CA ALA A 687 -15.45 -20.12 -5.91
C ALA A 687 -15.21 -21.54 -6.40
N PHE A 688 -14.97 -22.46 -5.47
CA PHE A 688 -14.72 -23.87 -5.81
C PHE A 688 -15.97 -24.54 -6.36
N VAL A 689 -17.13 -24.27 -5.77
CA VAL A 689 -18.37 -24.92 -6.16
C VAL A 689 -18.69 -24.58 -7.60
N LEU A 690 -18.49 -23.31 -7.96
CA LEU A 690 -18.83 -22.83 -9.29
C LEU A 690 -17.77 -23.19 -10.32
N ARG A 691 -16.59 -23.60 -9.86
CA ARG A 691 -15.54 -24.08 -10.76
C ARG A 691 -15.85 -25.52 -11.12
N ALA A 692 -16.28 -26.29 -10.14
CA ALA A 692 -16.64 -27.68 -10.37
C ALA A 692 -17.92 -27.82 -11.18
N ASP A 693 -18.89 -26.93 -10.94
CA ASP A 693 -20.19 -27.01 -11.58
C ASP A 693 -20.69 -25.64 -12.06
N PRO A 694 -20.21 -25.19 -13.22
CA PRO A 694 -20.61 -23.90 -13.79
C PRO A 694 -22.13 -23.75 -13.88
N ALA A 695 -22.86 -24.86 -14.12
CA ALA A 695 -24.31 -24.77 -14.28
C ALA A 695 -25.00 -24.33 -13.00
N HIS A 696 -24.31 -24.43 -11.87
CA HIS A 696 -24.87 -24.03 -10.59
C HIS A 696 -25.21 -22.53 -10.55
N ILE A 697 -24.65 -21.77 -11.49
CA ILE A 697 -24.92 -20.34 -11.55
C ILE A 697 -26.40 -20.07 -11.70
N GLU A 698 -27.16 -20.95 -12.38
CA GLU A 698 -28.57 -20.62 -12.59
C GLU A 698 -29.37 -20.80 -11.30
N THR A 699 -28.91 -21.72 -10.45
CA THR A 699 -29.50 -21.91 -9.14
C THR A 699 -29.16 -20.74 -8.26
N VAL A 700 -27.90 -20.33 -8.29
CA VAL A 700 -27.45 -19.12 -7.61
C VAL A 700 -28.30 -17.92 -8.07
N ALA A 701 -28.51 -17.77 -9.37
CA ALA A 701 -29.23 -16.59 -9.89
C ALA A 701 -30.68 -16.57 -9.42
N GLU A 702 -31.34 -17.73 -9.35
CA GLU A 702 -32.70 -17.83 -8.85
C GLU A 702 -32.81 -17.38 -7.40
N LYS A 703 -31.76 -17.56 -6.60
CA LYS A 703 -31.83 -17.21 -5.18
C LYS A 703 -30.91 -16.04 -4.84
N TYR A 704 -30.50 -15.30 -5.87
CA TYR A 704 -29.52 -14.23 -5.66
C TYR A 704 -30.03 -13.21 -4.66
N GLY A 705 -31.28 -12.81 -4.80
CA GLY A 705 -31.87 -11.86 -3.89
C GLY A 705 -31.77 -12.30 -2.45
N GLU A 706 -32.05 -13.58 -2.23
CA GLU A 706 -32.00 -14.18 -0.91
C GLU A 706 -30.59 -14.17 -0.32
N MSE A 707 -29.58 -14.40 -1.16
CA MSE A 707 -28.22 -14.45 -0.66
C MSE A 707 -27.54 -13.10 -0.58
O MSE A 707 -26.57 -12.95 0.15
CB MSE A 707 -27.41 -15.36 -1.52
CG MSE A 707 -27.96 -16.75 -1.43
SE MSE A 707 -26.60 -17.96 -1.90
CE MSE A 707 -26.59 -17.55 -3.80
H MSE A 707 -29.66 -14.52 -2.01
HA MSE A 707 -28.24 -14.83 0.23
HB2 MSE A 707 -27.44 -15.07 -2.44
HB3 MSE A 707 -26.48 -15.37 -1.21
HG2 MSE A 707 -28.24 -16.93 -0.54
HG3 MSE A 707 -28.69 -16.85 -2.06
HE1 MSE A 707 -25.92 -18.09 -4.24
HE2 MSE A 707 -27.46 -17.73 -4.17
HE3 MSE A 707 -26.38 -16.60 -3.92
N ALA A 708 -28.05 -12.13 -1.32
CA ALA A 708 -27.45 -10.80 -1.40
C ALA A 708 -27.77 -10.00 -0.14
N GLN A 709 -27.28 -10.49 1.00
CA GLN A 709 -27.60 -9.87 2.30
C GLN A 709 -26.57 -8.80 2.71
N ASN A 710 -25.41 -8.79 2.04
CA ASN A 710 -24.50 -7.66 2.13
C ASN A 710 -23.55 -7.74 0.94
N MSE A 711 -22.66 -6.77 0.83
CA MSE A 711 -21.80 -6.69 -0.33
C MSE A 711 -20.74 -7.79 -0.32
O MSE A 711 -20.26 -8.19 -1.36
CB MSE A 711 -21.10 -5.33 -0.38
CG MSE A 711 -20.13 -5.17 -1.54
SE MSE A 711 -20.98 -5.40 -3.25
CE MSE A 711 -22.30 -4.07 -3.12
H MSE A 711 -22.55 -6.14 1.40
HA MSE A 711 -22.33 -6.78 -1.13
HB2 MSE A 711 -21.78 -4.64 -0.47
HB3 MSE A 711 -20.61 -5.20 0.44
HG2 MSE A 711 -19.75 -4.28 -1.51
HG3 MSE A 711 -19.43 -5.84 -1.46
HE1 MSE A 711 -22.83 -4.07 -3.94
HE2 MSE A 711 -22.88 -4.27 -2.36
HE3 MSE A 711 -21.87 -3.21 -3.00
N THR A 712 -20.34 -8.24 0.87
CA THR A 712 -19.40 -9.35 0.94
C THR A 712 -19.98 -10.58 0.23
N HIS A 713 -21.28 -10.79 0.38
CA HIS A 713 -21.95 -11.87 -0.33
C HIS A 713 -22.11 -11.60 -1.81
N GLU A 714 -22.55 -10.39 -2.20
CA GLU A 714 -22.70 -10.10 -3.63
C GLU A 714 -21.35 -10.17 -4.34
N TRP A 715 -20.33 -9.52 -3.77
CA TRP A 715 -18.97 -9.60 -4.33
C TRP A 715 -18.45 -11.03 -4.35
N GLY A 716 -18.71 -11.79 -3.28
CA GLY A 716 -18.26 -13.17 -3.26
C GLY A 716 -18.89 -14.02 -4.34
N ILE A 717 -20.17 -13.79 -4.57
CA ILE A 717 -20.90 -14.53 -5.59
C ILE A 717 -20.48 -14.12 -6.99
N LEU A 718 -20.41 -12.81 -7.24
CA LEU A 718 -20.07 -12.32 -8.55
C LEU A 718 -18.63 -12.72 -8.86
N SER A 719 -17.76 -12.73 -7.85
CA SER A 719 -16.38 -13.17 -8.06
CA SER A 719 -16.38 -13.17 -8.06
C SER A 719 -16.33 -14.65 -8.46
N ALA A 720 -17.14 -15.48 -7.78
CA ALA A 720 -17.15 -16.90 -8.05
C ALA A 720 -17.62 -17.23 -9.47
N VAL A 721 -18.55 -16.42 -9.99
CA VAL A 721 -19.12 -16.69 -11.32
C VAL A 721 -18.44 -15.90 -12.44
N ASN A 722 -17.46 -15.07 -12.10
CA ASN A 722 -16.99 -14.05 -13.04
C ASN A 722 -16.38 -14.60 -14.28
N GLY A 723 -15.80 -15.79 -14.15
CA GLY A 723 -15.16 -16.46 -15.28
C GLY A 723 -16.15 -17.39 -16.02
N ASN A 724 -17.39 -17.50 -15.53
CA ASN A 724 -18.42 -18.42 -16.08
C ASN A 724 -18.79 -17.97 -17.49
N GLU A 725 -18.86 -18.90 -18.45
CA GLU A 725 -19.23 -18.52 -19.82
C GLU A 725 -20.73 -18.44 -20.09
N SER A 726 -21.56 -18.66 -19.07
CA SER A 726 -22.99 -18.50 -19.24
C SER A 726 -23.35 -17.04 -19.49
N ASP A 727 -24.41 -16.82 -20.26
CA ASP A 727 -24.99 -15.50 -20.39
C ASP A 727 -25.42 -14.94 -19.04
N THR A 728 -25.74 -15.83 -18.11
CA THR A 728 -26.20 -15.44 -16.78
C THR A 728 -25.14 -14.66 -16.02
N ARG A 729 -23.88 -14.94 -16.30
CA ARG A 729 -22.79 -14.16 -15.72
C ARG A 729 -22.93 -12.71 -16.18
N ASN A 730 -23.11 -12.54 -17.49
CA ASN A 730 -23.28 -11.21 -18.04
C ASN A 730 -24.55 -10.55 -17.49
N ARG A 731 -25.64 -11.32 -17.36
CA ARG A 731 -26.89 -10.74 -16.81
C ARG A 731 -26.71 -10.30 -15.36
N LEU A 732 -26.10 -11.14 -14.52
CA LEU A 732 -25.94 -10.80 -13.10
C LEU A 732 -25.07 -9.55 -12.92
N LEU A 733 -24.04 -9.44 -13.76
CA LEU A 733 -23.15 -8.29 -13.69
C LEU A 733 -23.90 -7.02 -14.12
N ALA A 734 -24.74 -7.14 -15.16
CA ALA A 734 -25.51 -5.98 -15.61
C ALA A 734 -26.49 -5.54 -14.55
N GLN A 735 -27.06 -6.51 -13.83
CA GLN A 735 -28.03 -6.20 -12.78
C GLN A 735 -27.34 -5.55 -11.58
N PHE A 736 -26.12 -5.98 -11.31
CA PHE A 736 -25.30 -5.35 -10.27
C PHE A 736 -25.05 -3.89 -10.60
N ALA A 737 -24.67 -3.59 -11.84
CA ALA A 737 -24.40 -2.20 -12.23
C ALA A 737 -25.67 -1.32 -12.13
N ASP A 738 -26.80 -1.88 -12.51
CA ASP A 738 -28.07 -1.18 -12.43
C ASP A 738 -28.44 -0.91 -10.97
N LYS A 739 -28.27 -1.91 -10.12
CA LYS A 739 -28.67 -1.79 -8.73
C LYS A 739 -27.85 -0.73 -7.99
N PHE A 740 -26.56 -0.66 -8.31
CA PHE A 740 -25.66 0.19 -7.57
C PHE A 740 -25.14 1.34 -8.43
N SER A 741 -25.88 1.72 -9.46
CA SER A 741 -25.39 2.71 -10.44
C SER A 741 -25.02 4.04 -9.80
N ASP A 742 -25.68 4.38 -8.69
CA ASP A 742 -25.44 5.65 -8.00
CA ASP A 742 -25.44 5.66 -8.01
C ASP A 742 -24.34 5.62 -6.93
N ASP A 743 -23.70 4.47 -6.75
CA ASP A 743 -22.64 4.35 -5.75
C ASP A 743 -21.31 4.12 -6.44
N ALA A 744 -20.49 5.17 -6.54
CA ALA A 744 -19.26 5.09 -7.31
C ALA A 744 -18.31 4.02 -6.83
N LEU A 745 -18.25 3.75 -5.53
CA LEU A 745 -17.32 2.71 -5.02
C LEU A 745 -17.79 1.32 -5.39
N VAL A 746 -19.10 1.16 -5.53
CA VAL A 746 -19.60 -0.15 -5.98
C VAL A 746 -19.37 -0.28 -7.48
N MSE A 747 -19.48 0.82 -8.22
CA MSE A 747 -19.23 0.74 -9.67
C MSE A 747 -17.78 0.37 -9.90
O MSE A 747 -17.49 -0.32 -10.85
CB MSE A 747 -19.61 2.04 -10.37
CG MSE A 747 -21.12 2.29 -10.40
SE MSE A 747 -22.05 0.86 -11.23
CE MSE A 747 -21.13 0.83 -12.90
H MSE A 747 -19.68 1.59 -7.93
HA MSE A 747 -19.79 0.04 -10.03
HB2 MSE A 747 -19.18 2.79 -9.91
HB3 MSE A 747 -19.29 2.00 -11.29
HG2 MSE A 747 -21.44 2.38 -9.49
HG3 MSE A 747 -21.30 3.10 -10.90
HE1 MSE A 747 -21.51 0.13 -13.46
HE2 MSE A 747 -21.25 1.69 -13.34
HE3 MSE A 747 -20.19 0.66 -12.74
N ASP A 748 -16.87 0.81 -9.02
CA ASP A 748 -15.47 0.35 -9.09
C ASP A 748 -15.40 -1.19 -9.09
N LYS A 749 -16.19 -1.82 -8.22
CA LYS A 749 -16.24 -3.28 -8.16
C LYS A 749 -16.73 -3.88 -9.47
N TYR A 750 -17.76 -3.28 -10.06
CA TYR A 750 -18.27 -3.73 -11.35
C TYR A 750 -17.13 -3.71 -12.38
N PHE A 751 -16.39 -2.61 -12.44
CA PHE A 751 -15.36 -2.48 -13.48
C PHE A 751 -14.22 -3.43 -13.22
N ALA A 752 -13.92 -3.70 -11.95
CA ALA A 752 -12.92 -4.71 -11.62
C ALA A 752 -13.33 -6.10 -12.08
N LEU A 753 -14.59 -6.43 -11.90
CA LEU A 753 -15.08 -7.73 -12.39
C LEU A 753 -14.99 -7.81 -13.92
N VAL A 754 -15.36 -6.73 -14.61
CA VAL A 754 -15.24 -6.70 -16.04
C VAL A 754 -13.78 -6.94 -16.46
N GLY A 755 -12.82 -6.20 -15.87
CA GLY A 755 -11.41 -6.31 -16.24
C GLY A 755 -10.73 -7.60 -15.85
N SER A 756 -11.21 -8.30 -14.80
CA SER A 756 -10.50 -9.44 -14.25
C SER A 756 -11.02 -10.81 -14.74
N SER A 757 -12.07 -10.82 -15.54
CA SER A 757 -12.74 -12.08 -15.94
C SER A 757 -11.82 -12.97 -16.76
N ARG A 758 -11.85 -14.27 -16.46
CA ARG A 758 -11.14 -15.26 -17.26
C ARG A 758 -11.99 -15.75 -18.44
N ARG A 759 -13.17 -15.17 -18.64
CA ARG A 759 -13.93 -15.49 -19.86
C ARG A 759 -13.11 -15.19 -21.10
N SER A 760 -13.47 -15.81 -22.23
CA SER A 760 -12.70 -15.60 -23.44
C SER A 760 -12.85 -14.17 -24.00
N ASP A 761 -13.95 -13.47 -23.69
CA ASP A 761 -14.27 -12.22 -24.38
C ASP A 761 -13.94 -10.97 -23.57
N THR A 762 -13.08 -11.12 -22.57
CA THR A 762 -12.82 -10.00 -21.67
C THR A 762 -12.31 -8.74 -22.35
N LEU A 763 -11.41 -8.82 -23.33
CA LEU A 763 -10.91 -7.60 -23.96
C LEU A 763 -12.04 -6.79 -24.64
N GLN A 764 -12.95 -7.46 -25.33
CA GLN A 764 -14.00 -6.68 -25.95
C GLN A 764 -14.95 -6.12 -24.90
N GLN A 765 -15.18 -6.85 -23.80
CA GLN A 765 -16.07 -6.34 -22.76
C GLN A 765 -15.42 -5.12 -22.07
N VAL A 766 -14.11 -5.21 -21.87
CA VAL A 766 -13.36 -4.08 -21.32
C VAL A 766 -13.47 -2.85 -22.22
N ARG A 767 -13.33 -3.03 -23.52
CA ARG A 767 -13.41 -1.87 -24.43
C ARG A 767 -14.80 -1.26 -24.37
N THR A 768 -15.86 -2.08 -24.28
CA THR A 768 -17.21 -1.54 -24.09
C THR A 768 -17.33 -0.78 -22.75
N ALA A 769 -16.72 -1.31 -21.69
CA ALA A 769 -16.80 -0.69 -20.39
C ALA A 769 -16.17 0.70 -20.37
N LEU A 770 -15.16 0.93 -21.20
CA LEU A 770 -14.57 2.29 -21.31
C LEU A 770 -15.60 3.35 -21.66
N GLN A 771 -16.69 2.95 -22.27
CA GLN A 771 -17.72 3.87 -22.72
C GLN A 771 -18.94 3.82 -21.82
N HIS A 772 -18.84 3.11 -20.71
CA HIS A 772 -19.95 3.06 -19.75
C HIS A 772 -20.20 4.45 -19.20
N PRO A 773 -21.48 4.82 -19.00
CA PRO A 773 -21.74 6.18 -18.50
C PRO A 773 -21.11 6.50 -17.15
N LYS A 774 -20.88 5.50 -16.31
CA LYS A 774 -20.24 5.71 -15.02
C LYS A 774 -18.72 5.54 -15.03
N PHE A 775 -18.14 5.19 -16.17
CA PHE A 775 -16.70 5.11 -16.26
C PHE A 775 -16.11 6.47 -16.60
N SER A 776 -14.98 6.78 -15.99
CA SER A 776 -14.20 7.94 -16.38
C SER A 776 -12.72 7.61 -16.33
N LEU A 777 -12.05 7.78 -17.45
CA LEU A 777 -10.63 7.51 -17.55
C LEU A 777 -9.85 8.45 -16.63
N GLU A 778 -10.39 9.64 -16.42
CA GLU A 778 -9.72 10.66 -15.60
C GLU A 778 -9.93 10.46 -14.11
N ASN A 779 -10.68 9.44 -13.73
CA ASN A 779 -10.83 9.09 -12.31
C ASN A 779 -9.90 7.92 -11.95
N PRO A 780 -8.94 8.13 -11.02
CA PRO A 780 -7.99 7.04 -10.81
C PRO A 780 -8.60 5.74 -10.29
N ASN A 781 -9.60 5.84 -9.42
CA ASN A 781 -10.28 4.62 -8.97
C ASN A 781 -10.87 3.81 -10.13
N LYS A 782 -11.54 4.49 -11.06
CA LYS A 782 -12.12 3.84 -12.21
C LYS A 782 -11.02 3.25 -13.14
N ALA A 783 -10.01 4.04 -13.44
CA ALA A 783 -8.94 3.63 -14.35
C ALA A 783 -8.25 2.40 -13.76
N ARG A 784 -7.97 2.46 -12.47
CA ARG A 784 -7.37 1.34 -11.77
C ARG A 784 -8.27 0.13 -11.81
N SER A 785 -9.57 0.32 -11.52
CA SER A 785 -10.48 -0.82 -11.45
C SER A 785 -10.62 -1.57 -12.76
N LEU A 786 -10.83 -0.86 -13.86
CA LEU A 786 -11.05 -1.54 -15.14
C LEU A 786 -9.73 -1.93 -15.80
N ILE A 787 -8.85 -0.94 -15.97
CA ILE A 787 -7.63 -1.13 -16.75
CA ILE A 787 -7.64 -1.13 -16.77
C ILE A 787 -6.53 -1.80 -15.94
N GLY A 788 -6.37 -1.34 -14.69
CA GLY A 788 -5.47 -1.98 -13.75
C GLY A 788 -5.80 -3.47 -13.65
N SER A 789 -7.07 -3.80 -13.44
CA SER A 789 -7.46 -5.22 -13.32
C SER A 789 -7.12 -6.02 -14.60
N PHE A 790 -7.44 -5.43 -15.76
CA PHE A 790 -7.11 -6.08 -17.01
C PHE A 790 -5.60 -6.33 -17.08
N SER A 791 -4.79 -5.35 -16.66
CA SER A 791 -3.35 -5.50 -16.77
C SER A 791 -2.81 -6.63 -15.86
N ARG A 792 -3.56 -6.99 -14.83
CA ARG A 792 -3.20 -8.10 -13.94
C ARG A 792 -3.92 -9.41 -14.30
N ASN A 793 -4.69 -9.39 -15.38
CA ASN A 793 -5.47 -10.55 -15.84
C ASN A 793 -4.60 -11.41 -16.73
N VAL A 794 -3.96 -12.42 -16.14
CA VAL A 794 -2.83 -13.10 -16.79
C VAL A 794 -3.15 -13.63 -18.20
N PRO A 795 -4.23 -14.38 -18.38
CA PRO A 795 -4.46 -14.92 -19.73
C PRO A 795 -4.78 -13.86 -20.79
N HIS A 796 -5.26 -12.69 -20.39
CA HIS A 796 -5.65 -11.66 -21.34
C HIS A 796 -4.54 -10.66 -21.56
N PHE A 797 -3.91 -10.19 -20.47
CA PHE A 797 -2.81 -9.25 -20.60
C PHE A 797 -1.68 -9.90 -21.41
N HIS A 798 -1.42 -11.17 -21.13
CA HIS A 798 -0.32 -11.93 -21.75
C HIS A 798 -0.79 -12.79 -22.92
N ALA A 799 -1.90 -12.41 -23.55
CA ALA A 799 -2.34 -13.12 -24.71
C ALA A 799 -1.22 -13.17 -25.75
N GLU A 800 -1.09 -14.33 -26.36
CA GLU A 800 -0.04 -14.61 -27.34
C GLU A 800 -0.06 -13.66 -28.53
N ASP A 801 -1.24 -13.17 -28.90
CA ASP A 801 -1.34 -12.30 -30.06
C ASP A 801 -0.92 -10.84 -29.73
N GLY A 802 -0.58 -10.58 -28.47
CA GLY A 802 -0.08 -9.25 -28.09
C GLY A 802 -1.18 -8.22 -27.87
N SER A 803 -2.44 -8.62 -28.04
CA SER A 803 -3.56 -7.68 -27.90
C SER A 803 -3.62 -7.05 -26.51
N GLY A 804 -3.24 -7.79 -25.47
CA GLY A 804 -3.25 -7.22 -24.12
C GLY A 804 -2.19 -6.15 -23.94
N TYR A 805 -1.00 -6.40 -24.50
CA TYR A 805 0.09 -5.46 -24.44
C TYR A 805 -0.23 -4.19 -25.22
N ARG A 806 -0.83 -4.35 -26.40
CA ARG A 806 -1.16 -3.20 -27.22
C ARG A 806 -2.19 -2.34 -26.50
N PHE A 807 -3.18 -3.00 -25.89
CA PHE A 807 -4.23 -2.29 -25.16
C PHE A 807 -3.65 -1.49 -24.00
N ILE A 808 -2.88 -2.14 -23.14
CA ILE A 808 -2.36 -1.44 -21.97
C ILE A 808 -1.42 -0.32 -22.41
N ALA A 809 -0.60 -0.55 -23.44
CA ALA A 809 0.28 0.53 -23.92
C ALA A 809 -0.54 1.71 -24.48
N ASP A 810 -1.62 1.44 -25.19
CA ASP A 810 -2.53 2.51 -25.64
C ASP A 810 -3.00 3.34 -24.42
N LYS A 811 -3.32 2.67 -23.33
CA LYS A 811 -3.96 3.39 -22.21
C LYS A 811 -2.88 4.10 -21.39
N VAL A 812 -1.65 3.59 -21.35
CA VAL A 812 -0.56 4.31 -20.71
C VAL A 812 -0.36 5.63 -21.45
N ILE A 813 -0.30 5.52 -22.77
CA ILE A 813 -0.13 6.67 -23.65
C ILE A 813 -1.25 7.68 -23.42
N GLU A 814 -2.49 7.24 -23.42
CA GLU A 814 -3.62 8.17 -23.28
C GLU A 814 -3.62 8.83 -21.90
N ILE A 815 -3.44 8.01 -20.87
CA ILE A 815 -3.55 8.50 -19.49
C ILE A 815 -2.39 9.45 -19.16
N ASP A 816 -1.21 9.21 -19.72
CA ASP A 816 -0.05 10.05 -19.42
C ASP A 816 -0.24 11.50 -19.80
N ARG A 817 -1.14 11.74 -20.74
CA ARG A 817 -1.36 13.09 -21.21
C ARG A 817 -1.98 13.96 -20.11
N PHE A 818 -2.65 13.36 -19.13
CA PHE A 818 -3.31 14.14 -18.08
C PHE A 818 -2.95 13.67 -16.68
N ASN A 819 -2.56 12.41 -16.50
CA ASN A 819 -2.18 11.92 -15.16
C ASN A 819 -0.99 10.98 -15.21
N PRO A 820 0.22 11.56 -15.15
CA PRO A 820 1.42 10.73 -15.26
C PRO A 820 1.55 9.70 -14.13
N GLN A 821 0.99 9.95 -12.95
CA GLN A 821 1.12 9.00 -11.83
C GLN A 821 0.33 7.74 -12.06
N VAL A 822 -0.87 7.88 -12.61
CA VAL A 822 -1.68 6.70 -12.91
C VAL A 822 -0.98 5.94 -14.04
N ALA A 823 -0.52 6.66 -15.06
CA ALA A 823 0.14 6.01 -16.20
C ALA A 823 1.42 5.27 -15.80
N ALA A 824 2.19 5.83 -14.88
CA ALA A 824 3.45 5.23 -14.48
C ALA A 824 3.23 3.98 -13.60
N ARG A 825 2.17 3.96 -12.80
CA ARG A 825 1.78 2.72 -12.11
C ARG A 825 1.34 1.68 -13.13
N LEU A 826 0.58 2.11 -14.12
CA LEU A 826 0.01 1.16 -15.06
C LEU A 826 1.13 0.51 -15.91
N VAL A 827 2.12 1.30 -16.27
CA VAL A 827 3.14 0.83 -17.22
C VAL A 827 4.01 -0.23 -16.58
N GLN A 828 3.95 -0.33 -15.26
CA GLN A 828 4.72 -1.35 -14.56
C GLN A 828 4.12 -2.73 -14.77
N ALA A 829 2.96 -2.80 -15.42
CA ALA A 829 2.42 -4.09 -15.87
C ALA A 829 3.45 -4.77 -16.78
N PHE A 830 4.32 -3.99 -17.39
CA PHE A 830 5.32 -4.55 -18.32
C PHE A 830 6.64 -4.95 -17.66
N ASN A 831 6.72 -4.84 -16.34
CA ASN A 831 7.99 -5.09 -15.64
C ASN A 831 8.56 -6.49 -15.85
N LEU A 832 7.74 -7.43 -16.28
CA LEU A 832 8.24 -8.79 -16.44
C LEU A 832 8.96 -9.01 -17.78
N CYS A 833 8.97 -7.95 -18.59
CA CYS A 833 9.49 -7.93 -19.94
C CYS A 833 10.64 -8.90 -20.22
N ASN A 834 11.72 -8.74 -19.52
CA ASN A 834 12.95 -9.38 -19.85
C ASN A 834 13.02 -10.81 -19.36
N LYS A 835 12.04 -11.19 -18.60
CA LYS A 835 11.90 -12.57 -18.15
C LYS A 835 10.94 -13.41 -19.00
N LEU A 836 10.28 -12.79 -19.97
CA LEU A 836 9.35 -13.50 -20.84
C LEU A 836 10.01 -14.35 -21.93
N GLU A 837 9.29 -15.36 -22.41
CA GLU A 837 9.72 -16.12 -23.57
C GLU A 837 9.78 -15.16 -24.77
N PRO A 838 10.55 -15.52 -25.81
CA PRO A 838 10.96 -14.51 -26.80
C PRO A 838 9.83 -13.84 -27.58
N HIS A 839 8.76 -14.57 -27.85
CA HIS A 839 7.67 -14.01 -28.63
C HIS A 839 7.00 -12.85 -27.85
N ARG A 840 6.55 -13.13 -26.63
CA ARG A 840 5.94 -12.06 -25.81
C ARG A 840 6.96 -10.97 -25.46
N LYS A 841 8.21 -11.35 -25.26
CA LYS A 841 9.24 -10.35 -24.91
C LYS A 841 9.38 -9.36 -26.04
N ASN A 842 9.39 -9.86 -27.27
CA ASN A 842 9.44 -9.03 -28.47
C ASN A 842 8.28 -8.03 -28.50
N LEU A 843 7.09 -8.53 -28.21
CA LEU A 843 5.88 -7.69 -28.28
C LEU A 843 5.82 -6.67 -27.16
N VAL A 844 6.28 -7.04 -25.96
CA VAL A 844 6.36 -6.11 -24.84
C VAL A 844 7.38 -5.02 -25.16
N LYS A 845 8.51 -5.39 -25.76
CA LYS A 845 9.49 -4.37 -26.10
C LYS A 845 8.93 -3.40 -27.13
N GLN A 846 8.16 -3.91 -28.09
CA GLN A 846 7.55 -3.04 -29.10
C GLN A 846 6.60 -2.05 -28.41
N ALA A 847 5.87 -2.55 -27.45
CA ALA A 847 4.91 -1.73 -26.70
C ALA A 847 5.61 -0.62 -25.93
N LEU A 848 6.69 -0.97 -25.24
CA LEU A 848 7.47 0.02 -24.51
C LEU A 848 8.16 1.04 -25.43
N GLN A 849 8.74 0.60 -26.56
CA GLN A 849 9.34 1.54 -27.50
C GLN A 849 8.31 2.54 -28.04
N ARG A 850 7.09 2.07 -28.29
CA ARG A 850 5.99 2.92 -28.74
C ARG A 850 5.61 3.96 -27.68
N ILE A 851 5.54 3.54 -26.43
CA ILE A 851 5.36 4.50 -25.33
C ILE A 851 6.49 5.52 -25.32
N ARG A 852 7.73 5.04 -25.42
CA ARG A 852 8.90 5.89 -25.40
C ARG A 852 8.88 6.90 -26.56
N ALA A 853 8.28 6.53 -27.68
CA ALA A 853 8.28 7.36 -28.88
C ALA A 853 7.37 8.60 -28.75
N GLN A 854 6.50 8.60 -27.73
CA GLN A 854 5.53 9.69 -27.51
CA GLN A 854 5.54 9.68 -27.56
C GLN A 854 6.21 10.99 -27.15
N GLU A 855 6.05 12.01 -27.99
CA GLU A 855 6.55 13.33 -27.64
C GLU A 855 5.82 13.78 -26.39
N GLY A 856 6.57 14.38 -25.46
CA GLY A 856 5.96 14.92 -24.26
C GLY A 856 5.71 13.90 -23.16
N LEU A 857 6.20 12.67 -23.34
CA LEU A 857 6.05 11.61 -22.33
C LEU A 857 6.55 12.13 -21.00
N SER A 858 5.79 11.90 -19.93
CA SER A 858 6.21 12.33 -18.60
C SER A 858 7.52 11.69 -18.15
N LYS A 859 8.21 12.39 -17.25
CA LYS A 859 9.35 11.81 -16.51
C LYS A 859 8.92 10.58 -15.72
N ASP A 860 7.68 10.60 -15.22
CA ASP A 860 7.17 9.49 -14.43
C ASP A 860 7.26 8.17 -15.23
N VAL A 861 6.60 8.15 -16.39
CA VAL A 861 6.55 6.97 -17.20
C VAL A 861 7.92 6.74 -17.81
N GLY A 862 8.62 7.81 -18.21
CA GLY A 862 9.94 7.68 -18.83
C GLY A 862 10.95 6.97 -17.95
N GLU A 863 10.97 7.29 -16.67
CA GLU A 863 11.88 6.62 -15.75
C GLU A 863 11.65 5.10 -15.72
N ILE A 864 10.39 4.67 -15.68
CA ILE A 864 10.08 3.24 -15.61
C ILE A 864 10.45 2.54 -16.94
N VAL A 865 10.04 3.12 -18.07
CA VAL A 865 10.35 2.55 -19.38
C VAL A 865 11.85 2.40 -19.54
N GLY A 866 12.65 3.37 -19.10
CA GLY A 866 14.10 3.25 -19.19
C GLY A 866 14.66 2.11 -18.36
N LYS A 867 14.09 1.90 -17.18
CA LYS A 867 14.57 0.82 -16.32
C LYS A 867 14.31 -0.53 -16.96
N ILE A 868 13.20 -0.64 -17.68
CA ILE A 868 12.86 -1.90 -18.33
C ILE A 868 13.69 -2.11 -19.61
N LEU A 869 13.67 -1.14 -20.53
CA LEU A 869 14.36 -1.28 -21.81
C LEU A 869 15.85 -1.20 -21.86
N ASP A 870 16.44 -0.33 -21.05
CA ASP A 870 17.85 0.05 -21.20
C ASP A 870 18.84 -0.66 -20.27
P11 379 B . 0.19 7.54 2.96
C1 379 B . 0.91 8.73 0.57
C3 379 B . 0.55 9.04 2.01
C6 379 B . 0.97 9.93 -0.33
C8 379 B . 1.36 9.54 -1.76
N10 379 B . 1.64 9.76 2.68
C11 379 B . -1.23 6.61 2.29
O12 379 B . -0.14 7.91 4.38
C13 379 B . -0.88 5.43 1.40
O13 379 B . 1.30 6.62 2.87
C15 379 B . -1.06 5.76 -0.06
C16 379 B . -1.89 4.34 1.59
C01 379 B . 2.00 10.45 -2.57
C17 379 B . -1.44 3.27 2.57
N18 379 B . 2.35 10.10 -3.84
C19 379 B . 2.06 8.85 -4.34
C20 379 B . 1.39 7.92 -3.54
C21 379 B . 1.06 8.28 -2.27
O23 379 B . -0.31 5.31 -0.95
O24 379 B . -1.98 6.54 -0.36
C36 379 B . -2.04 3.23 3.83
C37 379 B . -1.67 2.26 4.75
C38 379 B . -0.70 1.32 4.42
C39 379 B . -0.11 1.35 3.16
C40 379 B . -0.48 2.32 2.24
H1 379 B . 1.78 8.29 0.56
H2 379 B . 0.24 8.11 0.21
H12 379 B . -0.24 9.61 2.01
H6 379 B . 1.63 10.57 0.01
H7 379 B . 0.09 10.37 -0.35
H11 379 B . 1.31 10.52 3.07
H13 379 B . 2.01 9.22 3.33
H16 379 B . -1.78 7.23 1.77
H17 379 B . -1.76 6.28 3.04
H18 379 B . 0.02 5.10 1.58
H19 379 B . -2.72 4.73 1.92
H20 379 B . -2.07 3.91 0.73
H8 379 B . 2.21 11.33 -2.24
H10 379 B . 2.31 8.63 -5.25
H14 379 B . 1.18 7.03 -3.88
H15 379 B . 0.59 7.63 -1.70
H21 379 B . -2.72 3.89 4.06
H22 379 B . -2.09 2.25 5.63
H25 379 B . -0.44 0.64 5.07
H23 379 B . 0.57 0.68 2.93
H24 379 B . -0.06 2.34 1.35
C1 GOL C . 28.29 -2.20 -6.25
O1 GOL C . 28.95 -3.32 -6.50
C2 GOL C . 28.55 -1.19 -7.25
O2 GOL C . 29.81 -1.38 -7.77
C3 GOL C . 27.54 -1.29 -8.31
O3 GOL C . 27.47 -2.55 -8.79
C1 GOL D . -25.04 -21.45 -1.44
O1 GOL D . -24.93 -21.07 -0.08
C2 GOL D . -24.48 -20.37 -2.35
O2 GOL D . -23.99 -19.34 -1.54
C3 GOL D . -23.34 -20.80 -3.26
O3 GOL D . -23.03 -19.69 -4.08
H11 GOL D . -26.09 -21.62 -1.68
H12 GOL D . -24.50 -22.38 -1.60
HO1 GOL D . -25.36 -21.75 0.49
H2 GOL D . -25.28 -19.99 -2.97
HO2 GOL D . -23.23 -19.68 -1.02
H31 GOL D . -23.65 -21.65 -3.88
H32 GOL D . -22.47 -21.10 -2.67
HO3 GOL D . -23.42 -18.88 -3.68
C1 GOL E . -15.26 9.04 25.91
O1 GOL E . -14.26 9.54 26.76
C2 GOL E . -15.43 9.94 24.69
O2 GOL E . -15.86 9.23 23.55
C3 GOL E . -14.10 10.61 24.41
O3 GOL E . -13.05 9.66 24.34
H11 GOL E . -16.21 8.97 26.45
H12 GOL E . -15.00 8.03 25.58
HO1 GOL E . -14.21 8.99 27.57
H2 GOL E . -16.16 10.71 24.94
HO2 GOL E . -15.95 9.84 22.80
H31 GOL E . -13.89 11.34 25.21
H32 GOL E . -14.16 11.16 23.48
HO3 GOL E . -13.38 8.84 23.94
N1 IMD F . -2.19 38.44 1.96
C2 IMD F . -1.08 37.71 1.61
N3 IMD F . -0.87 36.76 2.58
C4 IMD F . -1.85 36.90 3.53
C5 IMD F . -2.68 37.96 3.12
HN1 IMD F . -2.57 39.19 1.44
H2 IMD F . -0.54 37.84 0.82
HN3 IMD F . -0.16 36.10 2.60
H4 IMD F . -1.96 36.36 4.34
H5 IMD F . -3.46 38.30 3.61
C1 GOL G . 2.55 0.59 -1.47
O1 GOL G . 2.67 0.59 -2.88
C2 GOL G . 1.74 1.81 -1.10
O2 GOL G . 0.40 1.55 -1.42
C3 GOL G . 2.23 3.03 -1.88
O3 GOL G . 1.51 4.17 -1.51
H11 GOL G . 3.53 0.62 -1.01
H12 GOL G . 2.04 -0.32 -1.14
HO1 GOL G . 3.24 -0.15 -3.16
H2 GOL G . 1.85 2.01 -0.03
HO2 GOL G . -0.15 2.33 -1.20
H31 GOL G . 2.11 2.85 -2.96
H32 GOL G . 3.30 3.19 -1.69
HO3 GOL G . 1.38 4.17 -0.54
C1 GOL H . 15.69 -10.75 -16.35
O1 GOL H . 15.34 -10.11 -15.15
C2 GOL H . 16.79 -11.75 -16.07
O2 GOL H . 16.26 -12.86 -15.34
C3 GOL H . 17.46 -12.14 -17.38
O3 GOL H . 18.24 -13.28 -17.20
C1 GOL I . -21.58 -7.70 -19.95
O1 GOL I . -22.86 -7.98 -20.49
C2 GOL I . -21.70 -6.72 -18.80
O2 GOL I . -22.64 -7.22 -17.88
C3 GOL I . -20.39 -6.48 -18.05
O3 GOL I . -19.28 -6.54 -18.92
H11 GOL I . -20.94 -7.29 -20.72
H12 GOL I . -21.13 -8.63 -19.58
HO1 GOL I . -22.76 -8.57 -21.27
H2 GOL I . -22.06 -5.76 -19.19
HO2 GOL I . -22.30 -8.05 -17.48
H31 GOL I . -20.28 -7.23 -17.26
H32 GOL I . -20.43 -5.50 -17.56
HO3 GOL I . -18.74 -7.32 -18.71
ZN ZN J . 1.86 6.80 4.97
S SO4 K . -8.27 -17.57 -7.53
O1 SO4 K . -8.80 -16.22 -7.33
O2 SO4 K . -9.36 -18.55 -7.40
O3 SO4 K . -7.69 -17.66 -8.88
O4 SO4 K . -7.23 -17.84 -6.52
#